data_2RP1
# 
_entry.id   2RP1 
# 
_audit_conform.dict_name       mmcif_pdbx.dic 
_audit_conform.dict_version    5.392 
_audit_conform.dict_location   http://mmcif.pdb.org/dictionaries/ascii/mmcif_pdbx.dic 
# 
loop_
_database_2.database_id 
_database_2.database_code 
_database_2.pdbx_database_accession 
_database_2.pdbx_DOI 
PDB   2RP1         pdb_00002rp1 10.2210/pdb2rp1/pdb 
RCSB  RCSB150112   ?            ?                   
WWPDB D_1000150112 ?            ?                   
# 
loop_
_pdbx_audit_revision_history.ordinal 
_pdbx_audit_revision_history.data_content_type 
_pdbx_audit_revision_history.major_revision 
_pdbx_audit_revision_history.minor_revision 
_pdbx_audit_revision_history.revision_date 
1 'Structure model' 1 0 2009-03-31 
2 'Structure model' 1 1 2011-07-13 
3 'Structure model' 1 2 2022-03-16 
4 'Structure model' 1 3 2024-05-29 
# 
_pdbx_audit_revision_details.ordinal             1 
_pdbx_audit_revision_details.revision_ordinal    1 
_pdbx_audit_revision_details.data_content_type   'Structure model' 
_pdbx_audit_revision_details.provider            repository 
_pdbx_audit_revision_details.type                'Initial release' 
_pdbx_audit_revision_details.description         ? 
_pdbx_audit_revision_details.details             ? 
# 
loop_
_pdbx_audit_revision_group.ordinal 
_pdbx_audit_revision_group.revision_ordinal 
_pdbx_audit_revision_group.data_content_type 
_pdbx_audit_revision_group.group 
1 2 'Structure model' 'Version format compliance' 
2 3 'Structure model' 'Data collection'           
3 3 'Structure model' 'Database references'       
4 3 'Structure model' 'Derived calculations'      
5 4 'Structure model' 'Data collection'           
# 
loop_
_pdbx_audit_revision_category.ordinal 
_pdbx_audit_revision_category.revision_ordinal 
_pdbx_audit_revision_category.data_content_type 
_pdbx_audit_revision_category.category 
1 3 'Structure model' database_2            
2 3 'Structure model' pdbx_nmr_software     
3 3 'Structure model' pdbx_nmr_spectrometer 
4 3 'Structure model' pdbx_struct_assembly  
5 3 'Structure model' pdbx_struct_oper_list 
6 3 'Structure model' struct_conn           
7 4 'Structure model' chem_comp_atom        
8 4 'Structure model' chem_comp_bond        
# 
loop_
_pdbx_audit_revision_item.ordinal 
_pdbx_audit_revision_item.revision_ordinal 
_pdbx_audit_revision_item.data_content_type 
_pdbx_audit_revision_item.item 
1 3 'Structure model' '_database_2.pdbx_DOI'                
2 3 'Structure model' '_database_2.pdbx_database_accession' 
3 3 'Structure model' '_pdbx_nmr_software.name'             
4 3 'Structure model' '_pdbx_nmr_spectrometer.model'        
5 3 'Structure model' '_struct_conn.pdbx_leaving_atom_flag' 
# 
_pdbx_database_status.deposit_site                    BMRB 
_pdbx_database_status.entry_id                        2RP1 
_pdbx_database_status.process_site                    PDBJ 
_pdbx_database_status.recvd_initial_deposition_date   2008-04-25 
_pdbx_database_status.SG_entry                        ? 
_pdbx_database_status.status_code                     REL 
_pdbx_database_status.status_code_mr                  REL 
_pdbx_database_status.status_code_sf                  ? 
_pdbx_database_status.pdb_format_compatible           Y 
_pdbx_database_status.status_code_cs                  ? 
_pdbx_database_status.status_code_nmr_data            ? 
_pdbx_database_status.methods_development_category    ? 
# 
loop_
_pdbx_database_related.content_type 
_pdbx_database_related.db_id 
_pdbx_database_related.db_name 
_pdbx_database_related.details 
unspecified 1KPY PDB 'previous lower resolution structure' 
unspecified 1KPZ PDB 'previous lower resolution structure' 
unspecified 2RP0 PDB .                                     
# 
loop_
_audit_author.name 
_audit_author.pdbx_ordinal 
'Cornish, P.V.' 1 
'Hennig, M.'    2 
'Giedroc, D.P.' 3 
# 
_citation.id                        primary 
_citation.title                     'Frameshifting RNA pseudoknots: Structure and mechanism.' 
_citation.journal_abbrev            'Virus Res.' 
_citation.journal_volume            139 
_citation.page_first                193 
_citation.page_last                 208 
_citation.year                      2009 
_citation.journal_id_ASTM           ? 
_citation.country                   NE 
_citation.journal_id_ISSN           0168-1702 
_citation.journal_id_CSD            ? 
_citation.book_publisher            ? 
_citation.pdbx_database_id_PubMed   18621088 
_citation.pdbx_database_id_DOI      10.1016/j.virusres.2008.06.008 
# 
loop_
_citation_author.citation_id 
_citation_author.name 
_citation_author.ordinal 
_citation_author.identifier_ORCID 
primary 'Giedroc, D.P.' 1 ? 
primary 'Cornish, P.V.' 2 ? 
# 
_entity.id                         1 
_entity.type                       polymer 
_entity.src_method                 syn 
_entity.pdbx_description           'PEMV-1 mRNA pseudoknot' 
_entity.formula_weight             8672.255 
_entity.pdbx_number_of_molecules   1 
_entity.pdbx_ec                    ? 
_entity.pdbx_mutation              ? 
_entity.pdbx_fragment              ? 
_entity.details                    ? 
# 
_entity_poly.entity_id                      1 
_entity_poly.type                           polyribonucleotide 
_entity_poly.nstd_linkage                   no 
_entity_poly.nstd_monomer                   yes 
_entity_poly.pdbx_seq_one_letter_code       'UCCGGU(CH)GACUCCGGAGAAACAAAGUC' 
_entity_poly.pdbx_seq_one_letter_code_can   UCCGGUCGACUCCGGAGAAACAAAGUC 
_entity_poly.pdbx_strand_id                 A 
_entity_poly.pdbx_target_identifier         ? 
# 
loop_
_entity_poly_seq.entity_id 
_entity_poly_seq.num 
_entity_poly_seq.mon_id 
_entity_poly_seq.hetero 
1 1  U  n 
1 2  C  n 
1 3  C  n 
1 4  G  n 
1 5  G  n 
1 6  U  n 
1 7  CH n 
1 8  G  n 
1 9  A  n 
1 10 C  n 
1 11 U  n 
1 12 C  n 
1 13 C  n 
1 14 G  n 
1 15 G  n 
1 16 A  n 
1 17 G  n 
1 18 A  n 
1 19 A  n 
1 20 A  n 
1 21 C  n 
1 22 A  n 
1 23 A  n 
1 24 A  n 
1 25 G  n 
1 26 U  n 
1 27 C  n 
# 
_pdbx_entity_src_syn.entity_id              1 
_pdbx_entity_src_syn.pdbx_src_id            1 
_pdbx_entity_src_syn.pdbx_alt_source_flag   sample 
_pdbx_entity_src_syn.pdbx_beg_seq_num       ? 
_pdbx_entity_src_syn.pdbx_end_seq_num       ? 
_pdbx_entity_src_syn.organism_scientific    ? 
_pdbx_entity_src_syn.organism_common_name   ? 
_pdbx_entity_src_syn.ncbi_taxonomy_id       ? 
_pdbx_entity_src_syn.details                'RNA was produced by in vitro transcription using SP6 RNA polymerase' 
# 
loop_
_chem_comp.id 
_chem_comp.type 
_chem_comp.mon_nstd_flag 
_chem_comp.name 
_chem_comp.pdbx_synonyms 
_chem_comp.formula 
_chem_comp.formula_weight 
A  'RNA linking' y "ADENOSINE-5'-MONOPHOSPHATE"              ? 'C10 H14 N5 O7 P'  347.221 
C  'RNA linking' y "CYTIDINE-5'-MONOPHOSPHATE"               ? 'C9 H14 N3 O8 P'   323.197 
CH 'RNA linking' n 
;N3-PROTONATED CYTIDINE-5'-MONOPHOSPHATE
;
? 'C9 H15 N3 O8 P 1' 324.204 
G  'RNA linking' y "GUANOSINE-5'-MONOPHOSPHATE"              ? 'C10 H14 N5 O8 P'  363.221 
U  'RNA linking' y "URIDINE-5'-MONOPHOSPHATE"                ? 'C9 H13 N2 O9 P'   324.181 
# 
loop_
_pdbx_poly_seq_scheme.asym_id 
_pdbx_poly_seq_scheme.entity_id 
_pdbx_poly_seq_scheme.seq_id 
_pdbx_poly_seq_scheme.mon_id 
_pdbx_poly_seq_scheme.ndb_seq_num 
_pdbx_poly_seq_scheme.pdb_seq_num 
_pdbx_poly_seq_scheme.auth_seq_num 
_pdbx_poly_seq_scheme.pdb_mon_id 
_pdbx_poly_seq_scheme.auth_mon_id 
_pdbx_poly_seq_scheme.pdb_strand_id 
_pdbx_poly_seq_scheme.pdb_ins_code 
_pdbx_poly_seq_scheme.hetero 
A 1 1  U  1  4  4  U  U  A . n 
A 1 2  C  2  5  5  C  C  A . n 
A 1 3  C  3  6  6  C  C  A . n 
A 1 4  G  4  7  7  G  G  A . n 
A 1 5  G  5  8  8  G  G  A . n 
A 1 6  U  6  9  9  U  U  A . n 
A 1 7  CH 7  10 10 CH CH A . n 
A 1 8  G  8  11 11 G  G  A . n 
A 1 9  A  9  12 12 A  A  A . n 
A 1 10 C  10 13 13 C  C  A . n 
A 1 11 U  11 14 14 U  U  A . n 
A 1 12 C  12 15 15 C  C  A . n 
A 1 13 C  13 16 16 C  C  A . n 
A 1 14 G  14 17 17 G  G  A . n 
A 1 15 G  15 18 18 G  G  A . n 
A 1 16 A  16 19 19 A  A  A . n 
A 1 17 G  17 20 20 G  G  A . n 
A 1 18 A  18 21 21 A  A  A . n 
A 1 19 A  19 22 22 A  A  A . n 
A 1 20 A  20 23 23 A  A  A . n 
A 1 21 C  21 24 24 C  C  A . n 
A 1 22 A  22 25 25 A  A  A . n 
A 1 23 A  23 26 26 A  A  A . n 
A 1 24 A  24 27 27 A  A  A . n 
A 1 25 G  25 28 28 G  G  A . n 
A 1 26 U  26 29 29 U  U  A . n 
A 1 27 C  27 30 30 C  C  A . n 
# 
_exptl.absorpt_coefficient_mu     ? 
_exptl.absorpt_correction_T_max   ? 
_exptl.absorpt_correction_T_min   ? 
_exptl.absorpt_correction_type    ? 
_exptl.absorpt_process_details    ? 
_exptl.crystals_number            ? 
_exptl.details                    ? 
_exptl.entry_id                   2RP1 
_exptl.method                     'SOLUTION NMR' 
_exptl.method_details             ? 
# 
_struct.entry_id                  2RP1 
_struct.title                     'Refined solution structure of the PEMV-1 mRNA pseudoknot, regularized average structure' 
_struct.pdbx_model_details        ? 
_struct.pdbx_CASP_flag            ? 
_struct.pdbx_model_type_details   'minimized average' 
# 
_struct_keywords.entry_id        2RP1 
_struct_keywords.pdbx_keywords   RNA 
_struct_keywords.text            'RNA pseudoknot, frameshifting, RNA' 
# 
_struct_asym.id                            A 
_struct_asym.pdbx_blank_PDB_chainid_flag   N 
_struct_asym.pdbx_modified                 N 
_struct_asym.entity_id                     1 
_struct_asym.details                       ? 
# 
_struct_ref.id                         1 
_struct_ref.db_name                    PDB 
_struct_ref.db_code                    2RP1 
_struct_ref.pdbx_db_accession          2RP1 
_struct_ref.entity_id                  1 
_struct_ref.pdbx_align_begin           ? 
_struct_ref.pdbx_seq_one_letter_code   ? 
_struct_ref.pdbx_db_isoform            ? 
# 
_struct_ref_seq.align_id                      1 
_struct_ref_seq.ref_id                        1 
_struct_ref_seq.pdbx_PDB_id_code              2RP1 
_struct_ref_seq.pdbx_strand_id                A 
_struct_ref_seq.seq_align_beg                 1 
_struct_ref_seq.pdbx_seq_align_beg_ins_code   ? 
_struct_ref_seq.seq_align_end                 27 
_struct_ref_seq.pdbx_seq_align_end_ins_code   ? 
_struct_ref_seq.pdbx_db_accession             2RP1 
_struct_ref_seq.db_align_beg                  4 
_struct_ref_seq.pdbx_db_align_beg_ins_code    ? 
_struct_ref_seq.db_align_end                  30 
_struct_ref_seq.pdbx_db_align_end_ins_code    ? 
_struct_ref_seq.pdbx_auth_seq_align_beg       4 
_struct_ref_seq.pdbx_auth_seq_align_end       30 
# 
_pdbx_struct_assembly.id                   1 
_pdbx_struct_assembly.details              author_defined_assembly 
_pdbx_struct_assembly.method_details       ? 
_pdbx_struct_assembly.oligomeric_details   monomeric 
_pdbx_struct_assembly.oligomeric_count     1 
# 
_pdbx_struct_assembly_gen.assembly_id       1 
_pdbx_struct_assembly_gen.oper_expression   1 
_pdbx_struct_assembly_gen.asym_id_list      A 
# 
_pdbx_struct_oper_list.id                   1 
_pdbx_struct_oper_list.type                 'identity operation' 
_pdbx_struct_oper_list.name                 1_555 
_pdbx_struct_oper_list.symmetry_operation   x,y,z 
_pdbx_struct_oper_list.matrix[1][1]         1.0000000000 
_pdbx_struct_oper_list.matrix[1][2]         0.0000000000 
_pdbx_struct_oper_list.matrix[1][3]         0.0000000000 
_pdbx_struct_oper_list.vector[1]            0.0000000000 
_pdbx_struct_oper_list.matrix[2][1]         0.0000000000 
_pdbx_struct_oper_list.matrix[2][2]         1.0000000000 
_pdbx_struct_oper_list.matrix[2][3]         0.0000000000 
_pdbx_struct_oper_list.vector[2]            0.0000000000 
_pdbx_struct_oper_list.matrix[3][1]         0.0000000000 
_pdbx_struct_oper_list.matrix[3][2]         0.0000000000 
_pdbx_struct_oper_list.matrix[3][3]         1.0000000000 
_pdbx_struct_oper_list.vector[3]            0.0000000000 
# 
_struct_biol.id        1 
_struct_biol.details   ? 
# 
loop_
_struct_conn.id 
_struct_conn.conn_type_id 
_struct_conn.pdbx_leaving_atom_flag 
_struct_conn.pdbx_PDB_id 
_struct_conn.ptnr1_label_asym_id 
_struct_conn.ptnr1_label_comp_id 
_struct_conn.ptnr1_label_seq_id 
_struct_conn.ptnr1_label_atom_id 
_struct_conn.pdbx_ptnr1_label_alt_id 
_struct_conn.pdbx_ptnr1_PDB_ins_code 
_struct_conn.pdbx_ptnr1_standard_comp_id 
_struct_conn.ptnr1_symmetry 
_struct_conn.ptnr2_label_asym_id 
_struct_conn.ptnr2_label_comp_id 
_struct_conn.ptnr2_label_seq_id 
_struct_conn.ptnr2_label_atom_id 
_struct_conn.pdbx_ptnr2_label_alt_id 
_struct_conn.pdbx_ptnr2_PDB_ins_code 
_struct_conn.ptnr1_auth_asym_id 
_struct_conn.ptnr1_auth_comp_id 
_struct_conn.ptnr1_auth_seq_id 
_struct_conn.ptnr2_auth_asym_id 
_struct_conn.ptnr2_auth_comp_id 
_struct_conn.ptnr2_auth_seq_id 
_struct_conn.ptnr2_symmetry 
_struct_conn.pdbx_ptnr3_label_atom_id 
_struct_conn.pdbx_ptnr3_label_seq_id 
_struct_conn.pdbx_ptnr3_label_comp_id 
_struct_conn.pdbx_ptnr3_label_asym_id 
_struct_conn.pdbx_ptnr3_label_alt_id 
_struct_conn.pdbx_ptnr3_PDB_ins_code 
_struct_conn.details 
_struct_conn.pdbx_dist_value 
_struct_conn.pdbx_value_order 
_struct_conn.pdbx_role 
covale1  covale both ? A U  6  "O3'" ? ? ? 1_555 A CH 7  P  ? ? A U  9  A CH 10 1_555 ? ? ? ? ? ? ?              1.604 ? ? 
covale2  covale both ? A CH 7  "O3'" ? ? ? 1_555 A G  8  P  ? ? A CH 10 A G  11 1_555 ? ? ? ? ? ? ?              1.592 ? ? 
hydrog1  hydrog ?    ? A U  1  N3    ? ? ? 1_555 A A  16 N1 ? ? A U  4  A A  19 1_555 ? ? ? ? ? ? WATSON-CRICK   ?     ? ? 
hydrog2  hydrog ?    ? A U  1  O4    ? ? ? 1_555 A A  16 N6 ? ? A U  4  A A  19 1_555 ? ? ? ? ? ? WATSON-CRICK   ?     ? ? 
hydrog3  hydrog ?    ? A C  2  N3    ? ? ? 1_555 A G  15 N1 ? ? A C  5  A G  18 1_555 ? ? ? ? ? ? WATSON-CRICK   ?     ? ? 
hydrog4  hydrog ?    ? A C  2  N4    ? ? ? 1_555 A G  15 O6 ? ? A C  5  A G  18 1_555 ? ? ? ? ? ? WATSON-CRICK   ?     ? ? 
hydrog5  hydrog ?    ? A C  2  O2    ? ? ? 1_555 A G  15 N2 ? ? A C  5  A G  18 1_555 ? ? ? ? ? ? WATSON-CRICK   ?     ? ? 
hydrog6  hydrog ?    ? A C  3  N3    ? ? ? 1_555 A G  14 N1 ? ? A C  6  A G  17 1_555 ? ? ? ? ? ? WATSON-CRICK   ?     ? ? 
hydrog7  hydrog ?    ? A C  3  N4    ? ? ? 1_555 A G  14 O6 ? ? A C  6  A G  17 1_555 ? ? ? ? ? ? WATSON-CRICK   ?     ? ? 
hydrog8  hydrog ?    ? A C  3  O2    ? ? ? 1_555 A G  14 N2 ? ? A C  6  A G  17 1_555 ? ? ? ? ? ? WATSON-CRICK   ?     ? ? 
hydrog9  hydrog ?    ? A G  4  N1    ? ? ? 1_555 A C  13 N3 ? ? A G  7  A C  16 1_555 ? ? ? ? ? ? WATSON-CRICK   ?     ? ? 
hydrog10 hydrog ?    ? A G  4  N2    ? ? ? 1_555 A C  13 O2 ? ? A G  7  A C  16 1_555 ? ? ? ? ? ? WATSON-CRICK   ?     ? ? 
hydrog11 hydrog ?    ? A G  4  O6    ? ? ? 1_555 A C  13 N4 ? ? A G  7  A C  16 1_555 ? ? ? ? ? ? WATSON-CRICK   ?     ? ? 
hydrog12 hydrog ?    ? A G  4  N2    ? ? ? 1_555 A A  22 N7 ? ? A G  7  A A  25 1_555 ? ? ? ? ? ? 'G-A MISPAIR'  ?     ? ? 
hydrog13 hydrog ?    ? A G  5  N1    ? ? ? 1_555 A C  12 N3 ? ? A G  8  A C  15 1_555 ? ? ? ? ? ? WATSON-CRICK   ?     ? ? 
hydrog14 hydrog ?    ? A G  5  N2    ? ? ? 1_555 A C  12 O2 ? ? A G  8  A C  15 1_555 ? ? ? ? ? ? WATSON-CRICK   ?     ? ? 
hydrog15 hydrog ?    ? A G  5  O6    ? ? ? 1_555 A C  12 N4 ? ? A G  8  A C  15 1_555 ? ? ? ? ? ? WATSON-CRICK   ?     ? ? 
hydrog16 hydrog ?    ? A G  5  N2    ? ? ? 1_555 A A  23 N1 ? ? A G  8  A A  26 1_555 ? ? ? ? ? ? TYPE_10_PAIR   ?     ? ? 
hydrog17 hydrog ?    ? A G  5  N3    ? ? ? 1_555 A A  23 N6 ? ? A G  8  A A  26 1_555 ? ? ? ? ? ? TYPE_10_PAIR   ?     ? ? 
hydrog18 hydrog ?    ? A U  6  N3    ? ? ? 1_555 A A  24 N7 ? ? A U  9  A A  27 1_555 ? ? ? ? ? ? HOOGSTEEN      ?     ? ? 
hydrog19 hydrog ?    ? A U  6  O4    ? ? ? 1_555 A A  24 N6 ? ? A U  9  A A  27 1_555 ? ? ? ? ? ? HOOGSTEEN      ?     ? ? 
hydrog20 hydrog ?    ? A CH 7  O2    ? ? ? 1_555 A C  10 N4 ? ? A CH 10 A C  13 1_555 ? ? ? ? ? ? 'CH-C MISPAIR' ?     ? ? 
hydrog21 hydrog ?    ? A CH 7  N4    ? ? ? 1_555 A G  25 N7 ? ? A CH 10 A G  28 1_555 ? ? ? ? ? ? 'CH-G PAIR'    ?     ? ? 
hydrog22 hydrog ?    ? A G  8  N1    ? ? ? 1_555 A C  27 N3 ? ? A G  11 A C  30 1_555 ? ? ? ? ? ? WATSON-CRICK   ?     ? ? 
hydrog23 hydrog ?    ? A G  8  N2    ? ? ? 1_555 A C  27 O2 ? ? A G  11 A C  30 1_555 ? ? ? ? ? ? WATSON-CRICK   ?     ? ? 
hydrog24 hydrog ?    ? A G  8  O6    ? ? ? 1_555 A C  27 N4 ? ? A G  11 A C  30 1_555 ? ? ? ? ? ? WATSON-CRICK   ?     ? ? 
hydrog25 hydrog ?    ? A C  10 N3    ? ? ? 1_555 A G  25 N1 ? ? A C  13 A G  28 1_555 ? ? ? ? ? ? WATSON-CRICK   ?     ? ? 
hydrog26 hydrog ?    ? A C  10 N4    ? ? ? 1_555 A G  25 O6 ? ? A C  13 A G  28 1_555 ? ? ? ? ? ? WATSON-CRICK   ?     ? ? 
hydrog27 hydrog ?    ? A C  10 O2    ? ? ? 1_555 A G  25 N2 ? ? A C  13 A G  28 1_555 ? ? ? ? ? ? WATSON-CRICK   ?     ? ? 
hydrog28 hydrog ?    ? A C  12 O2    ? ? ? 1_555 A A  24 N6 ? ? A C  15 A A  27 1_555 ? ? ? ? ? ? 'C-A MISPAIR'  ?     ? ? 
hydrog29 hydrog ?    ? A C  13 O2    ? ? ? 1_555 A A  22 N6 ? ? A C  16 A A  25 1_555 ? ? ? ? ? ? 'C-A MISPAIR'  ?     ? ? 
hydrog30 hydrog ?    ? A G  14 N3    ? ? ? 1_555 A C  21 N4 ? ? A G  17 A C  24 1_555 ? ? ? ? ? ? 'G-C PAIR'     ?     ? ? 
# 
loop_
_struct_conn_type.id 
_struct_conn_type.criteria 
_struct_conn_type.reference 
covale ? ? 
hydrog ? ? 
# 
loop_
_pdbx_validate_close_contact.id 
_pdbx_validate_close_contact.PDB_model_num 
_pdbx_validate_close_contact.auth_atom_id_1 
_pdbx_validate_close_contact.auth_asym_id_1 
_pdbx_validate_close_contact.auth_comp_id_1 
_pdbx_validate_close_contact.auth_seq_id_1 
_pdbx_validate_close_contact.PDB_ins_code_1 
_pdbx_validate_close_contact.label_alt_id_1 
_pdbx_validate_close_contact.auth_atom_id_2 
_pdbx_validate_close_contact.auth_asym_id_2 
_pdbx_validate_close_contact.auth_comp_id_2 
_pdbx_validate_close_contact.auth_seq_id_2 
_pdbx_validate_close_contact.PDB_ins_code_2 
_pdbx_validate_close_contact.label_alt_id_2 
_pdbx_validate_close_contact.dist 
1 1 "HO2'" A G 7  ? ? "O4'" A G 8  ? ? 1.53 
2 1 "HO2'" A A 21 ? ? "O3'" A A 22 ? ? 1.53 
3 1 "HO2'" A U 4  ? ? "O5'" A C 5  ? ? 1.54 
4 1 "HO2'" A C 24 ? ? "O5'" A A 25 ? ? 1.58 
# 
loop_
_pdbx_validate_rmsd_bond.id 
_pdbx_validate_rmsd_bond.PDB_model_num 
_pdbx_validate_rmsd_bond.auth_atom_id_1 
_pdbx_validate_rmsd_bond.auth_asym_id_1 
_pdbx_validate_rmsd_bond.auth_comp_id_1 
_pdbx_validate_rmsd_bond.auth_seq_id_1 
_pdbx_validate_rmsd_bond.PDB_ins_code_1 
_pdbx_validate_rmsd_bond.label_alt_id_1 
_pdbx_validate_rmsd_bond.auth_atom_id_2 
_pdbx_validate_rmsd_bond.auth_asym_id_2 
_pdbx_validate_rmsd_bond.auth_comp_id_2 
_pdbx_validate_rmsd_bond.auth_seq_id_2 
_pdbx_validate_rmsd_bond.PDB_ins_code_2 
_pdbx_validate_rmsd_bond.label_alt_id_2 
_pdbx_validate_rmsd_bond.bond_value 
_pdbx_validate_rmsd_bond.bond_target_value 
_pdbx_validate_rmsd_bond.bond_deviation 
_pdbx_validate_rmsd_bond.bond_standard_deviation 
_pdbx_validate_rmsd_bond.linker_flag 
1  1 "O5'" A C 16 ? ? "C5'" A C 16 ? ? 1.344 1.420 -0.076 0.009 N 
2  1 "C4'" A A 19 ? ? "C3'" A A 19 ? ? 1.458 1.521 -0.063 0.010 N 
3  1 "O3'" A A 19 ? ? "C3'" A A 19 ? ? 1.327 1.417 -0.090 0.014 N 
4  1 "O3'" A A 19 ? ? P     A G 20 ? ? 1.518 1.607 -0.089 0.012 Y 
5  1 P     A G 20 ? ? "O5'" A G 20 ? ? 1.470 1.593 -0.123 0.010 N 
6  1 "O5'" A G 20 ? ? "C5'" A G 20 ? ? 1.335 1.420 -0.085 0.009 N 
7  1 "C5'" A G 20 ? ? "C4'" A G 20 ? ? 1.429 1.508 -0.079 0.007 N 
8  1 "C3'" A G 20 ? ? "C2'" A G 20 ? ? 1.441 1.523 -0.082 0.011 N 
9  1 "O3'" A G 20 ? ? "C3'" A G 20 ? ? 1.292 1.417 -0.125 0.014 N 
10 1 "C1'" A G 20 ? ? N9    A G 20 ? ? 1.273 1.464 -0.191 0.014 N 
11 1 C2    A G 20 ? ? N3    A G 20 ? ? 1.270 1.323 -0.053 0.008 N 
12 1 C5    A G 20 ? ? N7    A G 20 ? ? 1.433 1.388 0.045  0.006 N 
13 1 C8    A G 20 ? ? N9    A G 20 ? ? 1.331 1.374 -0.043 0.007 N 
14 1 N9    A G 20 ? ? C4    A G 20 ? ? 1.214 1.375 -0.161 0.008 N 
15 1 "O3'" A G 20 ? ? P     A A 21 ? ? 1.416 1.607 -0.191 0.012 Y 
16 1 P     A A 21 ? ? "O5'" A A 21 ? ? 1.522 1.593 -0.071 0.010 N 
17 1 "O5'" A A 21 ? ? "C5'" A A 21 ? ? 1.306 1.420 -0.114 0.009 N 
18 1 P     A A 22 ? ? "O5'" A A 22 ? ? 1.530 1.593 -0.063 0.010 N 
19 1 "C3'" A A 26 ? ? "C2'" A A 26 ? ? 1.447 1.523 -0.076 0.011 N 
20 1 "O5'" A A 27 ? ? "C5'" A A 27 ? ? 1.351 1.420 -0.069 0.009 N 
# 
loop_
_pdbx_validate_rmsd_angle.id 
_pdbx_validate_rmsd_angle.PDB_model_num 
_pdbx_validate_rmsd_angle.auth_atom_id_1 
_pdbx_validate_rmsd_angle.auth_asym_id_1 
_pdbx_validate_rmsd_angle.auth_comp_id_1 
_pdbx_validate_rmsd_angle.auth_seq_id_1 
_pdbx_validate_rmsd_angle.PDB_ins_code_1 
_pdbx_validate_rmsd_angle.label_alt_id_1 
_pdbx_validate_rmsd_angle.auth_atom_id_2 
_pdbx_validate_rmsd_angle.auth_asym_id_2 
_pdbx_validate_rmsd_angle.auth_comp_id_2 
_pdbx_validate_rmsd_angle.auth_seq_id_2 
_pdbx_validate_rmsd_angle.PDB_ins_code_2 
_pdbx_validate_rmsd_angle.label_alt_id_2 
_pdbx_validate_rmsd_angle.auth_atom_id_3 
_pdbx_validate_rmsd_angle.auth_asym_id_3 
_pdbx_validate_rmsd_angle.auth_comp_id_3 
_pdbx_validate_rmsd_angle.auth_seq_id_3 
_pdbx_validate_rmsd_angle.PDB_ins_code_3 
_pdbx_validate_rmsd_angle.label_alt_id_3 
_pdbx_validate_rmsd_angle.angle_value 
_pdbx_validate_rmsd_angle.angle_target_value 
_pdbx_validate_rmsd_angle.angle_deviation 
_pdbx_validate_rmsd_angle.angle_standard_deviation 
_pdbx_validate_rmsd_angle.linker_flag 
1  1 N7    A G 7  ? ? C8    A G 7  ? ? N9    A G 7  ? ? 117.53 113.10 4.43   0.50 N 
2  1 C8    A G 7  ? ? N9    A G 7  ? ? C4    A G 7  ? ? 103.61 106.40 -2.79  0.40 N 
3  1 N7    A G 8  ? ? C8    A G 8  ? ? N9    A G 8  ? ? 117.61 113.10 4.51   0.50 N 
4  1 C8    A G 8  ? ? N9    A G 8  ? ? C4    A G 8  ? ? 103.47 106.40 -2.93  0.40 N 
5  1 N7    A G 11 ? ? C8    A G 11 ? ? N9    A G 11 ? ? 117.56 113.10 4.46   0.50 N 
6  1 C8    A G 11 ? ? N9    A G 11 ? ? C4    A G 11 ? ? 103.60 106.40 -2.80  0.40 N 
7  1 "O5'" A A 12 ? ? "C5'" A A 12 ? ? "C4'" A A 12 ? ? 104.19 109.40 -5.21  0.80 N 
8  1 N7    A A 12 ? ? C8    A A 12 ? ? N9    A A 12 ? ? 117.62 113.80 3.82   0.50 N 
9  1 C8    A A 12 ? ? N9    A A 12 ? ? C4    A A 12 ? ? 103.26 105.80 -2.54  0.40 N 
10 1 "O4'" A C 13 ? ? "C1'" A C 13 ? ? N1    A C 13 ? ? 112.97 108.50 4.47   0.70 N 
11 1 "O4'" A U 14 ? ? "C1'" A U 14 ? ? N1    A U 14 ? ? 112.92 108.50 4.42   0.70 N 
12 1 "C5'" A C 15 ? ? "C4'" A C 15 ? ? "O4'" A C 15 ? ? 115.71 109.80 5.91   0.90 N 
13 1 "C5'" A C 16 ? ? "C4'" A C 16 ? ? "C3'" A C 16 ? ? 103.94 115.20 -11.26 1.40 N 
14 1 N7    A G 17 ? ? C8    A G 17 ? ? N9    A G 17 ? ? 117.53 113.10 4.43   0.50 N 
15 1 C8    A G 17 ? ? N9    A G 17 ? ? C4    A G 17 ? ? 103.96 106.40 -2.44  0.40 N 
16 1 N7    A G 18 ? ? C8    A G 18 ? ? N9    A G 18 ? ? 117.44 113.10 4.34   0.50 N 
17 1 "C5'" A A 19 ? ? "C4'" A A 19 ? ? "O4'" A A 19 ? ? 115.27 109.80 5.47   0.90 N 
18 1 "C4'" A A 19 ? ? "C3'" A A 19 ? ? "C2'" A A 19 ? ? 109.00 102.60 6.40   1.00 N 
19 1 N7    A A 19 ? ? C8    A A 19 ? ? N9    A A 19 ? ? 117.21 113.80 3.41   0.50 N 
20 1 P     A G 20 ? ? "O5'" A G 20 ? ? "C5'" A G 20 ? ? 110.87 120.90 -10.03 1.60 N 
21 1 "C5'" A G 20 ? ? "C4'" A G 20 ? ? "C3'" A G 20 ? ? 106.64 115.20 -8.56  1.40 N 
22 1 "C5'" A G 20 ? ? "C4'" A G 20 ? ? "O4'" A G 20 ? ? 116.63 109.80 6.83   0.90 N 
23 1 "C1'" A G 20 ? ? "O4'" A G 20 ? ? "C4'" A G 20 ? ? 103.82 109.70 -5.88  0.70 N 
24 1 "C2'" A G 20 ? ? "C3'" A G 20 ? ? "O3'" A G 20 ? ? 95.41  109.50 -14.09 2.20 N 
25 1 "C4'" A G 20 ? ? "C3'" A G 20 ? ? "C2'" A G 20 ? ? 109.84 102.60 7.24   1.00 N 
26 1 "C3'" A G 20 ? ? "C2'" A G 20 ? ? "C1'" A G 20 ? ? 96.73  101.30 -4.57  0.70 N 
27 1 "O4'" A G 20 ? ? "C1'" A G 20 ? ? "C2'" A G 20 ? ? 113.35 107.60 5.75   0.90 N 
28 1 N9    A G 20 ? ? "C1'" A G 20 ? ? "C2'" A G 20 ? ? 100.27 112.00 -11.73 1.10 N 
29 1 N3    A G 20 ? ? C4    A G 20 ? ? C5    A G 20 ? ? 132.52 128.60 3.92   0.50 N 
30 1 C5    A G 20 ? ? N7    A G 20 ? ? C8    A G 20 ? ? 99.22  104.30 -5.08  0.50 N 
31 1 C8    A G 20 ? ? N9    A G 20 ? ? C4    A G 20 ? ? 110.38 106.40 3.98   0.40 N 
32 1 N3    A G 20 ? ? C4    A G 20 ? ? N9    A G 20 ? ? 120.62 126.00 -5.38  0.60 N 
33 1 C4    A G 20 ? ? N9    A G 20 ? ? "C1'" A G 20 ? ? 115.67 126.50 -10.83 1.30 N 
34 1 "O3'" A G 20 ? ? P     A A 21 ? ? "O5'" A A 21 ? ? 89.80  104.00 -14.20 1.90 Y 
35 1 "C5'" A A 21 ? ? "C4'" A A 21 ? ? "C3'" A A 21 ? ? 106.21 115.20 -8.99  1.40 N 
36 1 "O5'" A A 23 ? ? P     A A 23 ? ? OP2   A A 23 ? ? 98.82  105.70 -6.88  0.90 N 
37 1 N7    A A 25 ? ? C8    A A 25 ? ? N9    A A 25 ? ? 116.97 113.80 3.17   0.50 N 
38 1 N7    A A 26 ? ? C8    A A 26 ? ? N9    A A 26 ? ? 117.02 113.80 3.22   0.50 N 
39 1 "O3'" A A 26 ? ? P     A A 27 ? ? "O5'" A A 27 ? ? 90.22  104.00 -13.78 1.90 Y 
40 1 N7    A A 27 ? ? C8    A A 27 ? ? N9    A A 27 ? ? 117.31 113.80 3.51   0.50 N 
41 1 C5    A G 28 ? ? N7    A G 28 ? ? C8    A G 28 ? ? 101.22 104.30 -3.08  0.50 N 
42 1 N7    A G 28 ? ? C8    A G 28 ? ? N9    A G 28 ? ? 117.64 113.10 4.54   0.50 N 
43 1 C8    A G 28 ? ? N9    A G 28 ? ? C4    A G 28 ? ? 103.81 106.40 -2.59  0.40 N 
44 1 "O5'" A U 29 ? ? "C5'" A U 29 ? ? "C4'" A U 29 ? ? 99.23  109.40 -10.17 0.80 N 
45 1 "O3'" A U 29 ? ? P     A C 30 ? ? "O5'" A C 30 ? ? 90.09  104.00 -13.91 1.90 Y 
46 1 "O5'" A C 30 ? ? P     A C 30 ? ? OP2   A C 30 ? ? 99.47  105.70 -6.23  0.90 N 
47 1 "O5'" A C 30 ? ? "C5'" A C 30 ? ? "C4'" A C 30 ? ? 100.76 109.40 -8.64  0.80 N 
# 
loop_
_pdbx_validate_planes.id 
_pdbx_validate_planes.PDB_model_num 
_pdbx_validate_planes.auth_comp_id 
_pdbx_validate_planes.auth_asym_id 
_pdbx_validate_planes.auth_seq_id 
_pdbx_validate_planes.PDB_ins_code 
_pdbx_validate_planes.label_alt_id 
_pdbx_validate_planes.rmsd 
_pdbx_validate_planes.type 
1 1 G A 8  ? ? 0.052 'SIDE CHAIN' 
2 1 G A 11 ? ? 0.068 'SIDE CHAIN' 
# 
_pdbx_struct_mod_residue.id               1 
_pdbx_struct_mod_residue.label_asym_id    A 
_pdbx_struct_mod_residue.label_comp_id    CH 
_pdbx_struct_mod_residue.label_seq_id     7 
_pdbx_struct_mod_residue.auth_asym_id     A 
_pdbx_struct_mod_residue.auth_comp_id     CH 
_pdbx_struct_mod_residue.auth_seq_id      10 
_pdbx_struct_mod_residue.PDB_ins_code     ? 
_pdbx_struct_mod_residue.parent_comp_id   C 
_pdbx_struct_mod_residue.details          
;N3-PROTONATED CYTIDINE-5'-MONOPHOSPHATE
;
# 
_pdbx_nmr_ensemble.average_constraint_violations_per_residue     ? 
_pdbx_nmr_ensemble.average_constraints_per_residue               ? 
_pdbx_nmr_ensemble.average_distance_constraint_violation         ? 
_pdbx_nmr_ensemble.average_torsion_angle_constraint_violation    ? 
_pdbx_nmr_ensemble.conformer_selection_criteria                  'structures with the lowest energy' 
_pdbx_nmr_ensemble.conformers_calculated_total_number            28 
_pdbx_nmr_ensemble.conformers_submitted_total_number             1 
_pdbx_nmr_ensemble.distance_constraint_violation_method          ? 
_pdbx_nmr_ensemble.entry_id                                      2RP1 
_pdbx_nmr_ensemble.maximum_distance_constraint_violation         ? 
_pdbx_nmr_ensemble.maximum_lower_distance_constraint_violation   ? 
_pdbx_nmr_ensemble.maximum_torsion_angle_constraint_violation    ? 
_pdbx_nmr_ensemble.maximum_upper_distance_constraint_violation   ? 
_pdbx_nmr_ensemble.representative_conformer                      1 
_pdbx_nmr_ensemble.torsion_angle_constraint_violation_method     ? 
# 
_pdbx_nmr_representative.entry_id             2RP1 
_pdbx_nmr_representative.conformer_id         ? 
_pdbx_nmr_representative.selection_criteria   'minimized average structure' 
# 
loop_
_pdbx_nmr_sample_details.contents 
_pdbx_nmr_sample_details.solution_id 
_pdbx_nmr_sample_details.solvent_system 
'2 mM RNA, 10 mM potassium phosphate, 100 mM potassium chloride, 0.1 mM DSS, 5 mM magnesium chloride, 90% H2O/10% D2O' 1 
'90% H2O/10% D2O' 
;2 mM [U-100% 13C; U-100% 15N] RNA, 10 mM potassium phosphate, 100 mM potassium chloride, 0.1 mM DSS, 5 mM magnesium chloride, 100% D2O
;
2 '100% D2O'        
;2 mM [U-100% 13C; U-100% 15N] RNA, 10 mM potassium phosphate, 100 mM potassium chloride, 0.1 mM DSS, 20 mg/ml Pf1 phage, 5 mM magnesium chloride, 100% D2O
;
3 '100% D2O'        
# 
loop_
_pdbx_nmr_exptl_sample.component 
_pdbx_nmr_exptl_sample.concentration 
_pdbx_nmr_exptl_sample.concentration_units 
_pdbx_nmr_exptl_sample.isotopic_labeling 
_pdbx_nmr_exptl_sample.solution_id 
'RNA (27-MER)'        2   mM ?                          1 
'potassium phosphate' 10  mM ?                          1 
'potassium chloride'  100 mM ?                          1 
DSS                   .1  mM ?                          1 
'magnesium chloride'  5   mM ?                          1 
'RNA (27-MER)'        2   mM '[U-100% 13C; U-100% 15N]' 2 
'potassium phosphate' 10  mM ?                          2 
'potassium chloride'  100 mM ?                          2 
DSS                   .1  mM ?                          2 
'magnesium chloride'  5   mM ?                          2 
'RNA (27-MER)'        2   mM '[U-100% 13C; U-100% 15N]' 3 
'potassium phosphate' 10  mM ?                          3 
'potassium chloride'  100 mM ?                          3 
DSS                   .1  mM ?                          3 
'Pf1 phage'           20  %  ?                          3 
'magnesium chloride'  5   mM ?                          3 
# 
_pdbx_nmr_exptl_sample_conditions.conditions_id       1 
_pdbx_nmr_exptl_sample_conditions.ionic_strength      ? 
_pdbx_nmr_exptl_sample_conditions.pH                  6 
_pdbx_nmr_exptl_sample_conditions.pressure            ambient 
_pdbx_nmr_exptl_sample_conditions.pressure_units      ? 
_pdbx_nmr_exptl_sample_conditions.temperature         298 
_pdbx_nmr_exptl_sample_conditions.temperature_units   K 
# 
loop_
_pdbx_nmr_exptl.conditions_id 
_pdbx_nmr_exptl.experiment_id 
_pdbx_nmr_exptl.solution_id 
_pdbx_nmr_exptl.type 
1 1 2 '3D 1H-13C NOESY'     
1 2 1 '2D 1H-1H NOESY'      
1 3 3 'J-modulated CT-HSQC' 
1 4 3 CT-TROSY              
# 
_pdbx_nmr_refine.entry_id           2RP1 
_pdbx_nmr_refine.method             'simulated annealing' 
_pdbx_nmr_refine.details            ? 
_pdbx_nmr_refine.software_ordinal   1 
# 
loop_
_pdbx_nmr_software.authors 
_pdbx_nmr_software.classification 
_pdbx_nmr_software.name 
_pdbx_nmr_software.version 
_pdbx_nmr_software.ordinal 
'Schwieters, Kuszewski, Tjandra, Clore'             refinement                  'X-PLOR NIH' ? 1 
Goddard                                             'chemical shift assignment' Sparky       ? 2 
'Delaglio, Grzesiek, Vuister, Zhu, Pfeifer and Bax' processing                  NMRPipe      ? 3 
'Accelrys Software Inc.'                            'peak picking'              Felix        ? 4 
# 
loop_
_chem_comp_atom.comp_id 
_chem_comp_atom.atom_id 
_chem_comp_atom.type_symbol 
_chem_comp_atom.pdbx_aromatic_flag 
_chem_comp_atom.pdbx_stereo_config 
_chem_comp_atom.pdbx_ordinal 
A  OP3    O N N 1   
A  P      P N N 2   
A  OP1    O N N 3   
A  OP2    O N N 4   
A  "O5'"  O N N 5   
A  "C5'"  C N N 6   
A  "C4'"  C N R 7   
A  "O4'"  O N N 8   
A  "C3'"  C N S 9   
A  "O3'"  O N N 10  
A  "C2'"  C N R 11  
A  "O2'"  O N N 12  
A  "C1'"  C N R 13  
A  N9     N Y N 14  
A  C8     C Y N 15  
A  N7     N Y N 16  
A  C5     C Y N 17  
A  C6     C Y N 18  
A  N6     N N N 19  
A  N1     N Y N 20  
A  C2     C Y N 21  
A  N3     N Y N 22  
A  C4     C Y N 23  
A  HOP3   H N N 24  
A  HOP2   H N N 25  
A  "H5'"  H N N 26  
A  "H5''" H N N 27  
A  "H4'"  H N N 28  
A  "H3'"  H N N 29  
A  "HO3'" H N N 30  
A  "H2'"  H N N 31  
A  "HO2'" H N N 32  
A  "H1'"  H N N 33  
A  H8     H N N 34  
A  H61    H N N 35  
A  H62    H N N 36  
A  H2     H N N 37  
C  OP3    O N N 38  
C  P      P N N 39  
C  OP1    O N N 40  
C  OP2    O N N 41  
C  "O5'"  O N N 42  
C  "C5'"  C N N 43  
C  "C4'"  C N R 44  
C  "O4'"  O N N 45  
C  "C3'"  C N S 46  
C  "O3'"  O N N 47  
C  "C2'"  C N R 48  
C  "O2'"  O N N 49  
C  "C1'"  C N R 50  
C  N1     N N N 51  
C  C2     C N N 52  
C  O2     O N N 53  
C  N3     N N N 54  
C  C4     C N N 55  
C  N4     N N N 56  
C  C5     C N N 57  
C  C6     C N N 58  
C  HOP3   H N N 59  
C  HOP2   H N N 60  
C  "H5'"  H N N 61  
C  "H5''" H N N 62  
C  "H4'"  H N N 63  
C  "H3'"  H N N 64  
C  "HO3'" H N N 65  
C  "H2'"  H N N 66  
C  "HO2'" H N N 67  
C  "H1'"  H N N 68  
C  H41    H N N 69  
C  H42    H N N 70  
C  H5     H N N 71  
C  H6     H N N 72  
CH OP3    O N N 73  
CH P      P N N 74  
CH OP1    O N N 75  
CH OP2    O N N 76  
CH "O5'"  O N N 77  
CH "C5'"  C N N 78  
CH "C4'"  C N R 79  
CH "O4'"  O N N 80  
CH "C3'"  C N S 81  
CH "O3'"  O N N 82  
CH "C2'"  C N R 83  
CH "O2'"  O N N 84  
CH "C1'"  C N R 85  
CH N1     N N N 86  
CH C2     C N N 87  
CH O2     O N N 88  
CH N3     N N N 89  
CH C4     C N N 90  
CH N4     N N N 91  
CH C5     C N N 92  
CH C6     C N N 93  
CH HOP3   H N N 94  
CH HOP2   H N N 95  
CH "H5'"  H N N 96  
CH "H5''" H N N 97  
CH "H4'"  H N N 98  
CH "H3'"  H N N 99  
CH "HO3'" H N N 100 
CH "H2'"  H N N 101 
CH "HO2'" H N N 102 
CH "H1'"  H N N 103 
CH HN3    H N N 104 
CH H41    H N N 105 
CH H42    H N N 106 
CH H5     H N N 107 
CH H6     H N N 108 
G  OP3    O N N 109 
G  P      P N N 110 
G  OP1    O N N 111 
G  OP2    O N N 112 
G  "O5'"  O N N 113 
G  "C5'"  C N N 114 
G  "C4'"  C N R 115 
G  "O4'"  O N N 116 
G  "C3'"  C N S 117 
G  "O3'"  O N N 118 
G  "C2'"  C N R 119 
G  "O2'"  O N N 120 
G  "C1'"  C N R 121 
G  N9     N Y N 122 
G  C8     C Y N 123 
G  N7     N Y N 124 
G  C5     C Y N 125 
G  C6     C N N 126 
G  O6     O N N 127 
G  N1     N N N 128 
G  C2     C N N 129 
G  N2     N N N 130 
G  N3     N N N 131 
G  C4     C Y N 132 
G  HOP3   H N N 133 
G  HOP2   H N N 134 
G  "H5'"  H N N 135 
G  "H5''" H N N 136 
G  "H4'"  H N N 137 
G  "H3'"  H N N 138 
G  "HO3'" H N N 139 
G  "H2'"  H N N 140 
G  "HO2'" H N N 141 
G  "H1'"  H N N 142 
G  H8     H N N 143 
G  H1     H N N 144 
G  H21    H N N 145 
G  H22    H N N 146 
U  OP3    O N N 147 
U  P      P N N 148 
U  OP1    O N N 149 
U  OP2    O N N 150 
U  "O5'"  O N N 151 
U  "C5'"  C N N 152 
U  "C4'"  C N R 153 
U  "O4'"  O N N 154 
U  "C3'"  C N S 155 
U  "O3'"  O N N 156 
U  "C2'"  C N R 157 
U  "O2'"  O N N 158 
U  "C1'"  C N R 159 
U  N1     N N N 160 
U  C2     C N N 161 
U  O2     O N N 162 
U  N3     N N N 163 
U  C4     C N N 164 
U  O4     O N N 165 
U  C5     C N N 166 
U  C6     C N N 167 
U  HOP3   H N N 168 
U  HOP2   H N N 169 
U  "H5'"  H N N 170 
U  "H5''" H N N 171 
U  "H4'"  H N N 172 
U  "H3'"  H N N 173 
U  "HO3'" H N N 174 
U  "H2'"  H N N 175 
U  "HO2'" H N N 176 
U  "H1'"  H N N 177 
U  H3     H N N 178 
U  H5     H N N 179 
U  H6     H N N 180 
# 
loop_
_chem_comp_bond.comp_id 
_chem_comp_bond.atom_id_1 
_chem_comp_bond.atom_id_2 
_chem_comp_bond.value_order 
_chem_comp_bond.pdbx_aromatic_flag 
_chem_comp_bond.pdbx_stereo_config 
_chem_comp_bond.pdbx_ordinal 
A  OP3   P      sing N N 1   
A  OP3   HOP3   sing N N 2   
A  P     OP1    doub N N 3   
A  P     OP2    sing N N 4   
A  P     "O5'"  sing N N 5   
A  OP2   HOP2   sing N N 6   
A  "O5'" "C5'"  sing N N 7   
A  "C5'" "C4'"  sing N N 8   
A  "C5'" "H5'"  sing N N 9   
A  "C5'" "H5''" sing N N 10  
A  "C4'" "O4'"  sing N N 11  
A  "C4'" "C3'"  sing N N 12  
A  "C4'" "H4'"  sing N N 13  
A  "O4'" "C1'"  sing N N 14  
A  "C3'" "O3'"  sing N N 15  
A  "C3'" "C2'"  sing N N 16  
A  "C3'" "H3'"  sing N N 17  
A  "O3'" "HO3'" sing N N 18  
A  "C2'" "O2'"  sing N N 19  
A  "C2'" "C1'"  sing N N 20  
A  "C2'" "H2'"  sing N N 21  
A  "O2'" "HO2'" sing N N 22  
A  "C1'" N9     sing N N 23  
A  "C1'" "H1'"  sing N N 24  
A  N9    C8     sing Y N 25  
A  N9    C4     sing Y N 26  
A  C8    N7     doub Y N 27  
A  C8    H8     sing N N 28  
A  N7    C5     sing Y N 29  
A  C5    C6     sing Y N 30  
A  C5    C4     doub Y N 31  
A  C6    N6     sing N N 32  
A  C6    N1     doub Y N 33  
A  N6    H61    sing N N 34  
A  N6    H62    sing N N 35  
A  N1    C2     sing Y N 36  
A  C2    N3     doub Y N 37  
A  C2    H2     sing N N 38  
A  N3    C4     sing Y N 39  
C  OP3   P      sing N N 40  
C  OP3   HOP3   sing N N 41  
C  P     OP1    doub N N 42  
C  P     OP2    sing N N 43  
C  P     "O5'"  sing N N 44  
C  OP2   HOP2   sing N N 45  
C  "O5'" "C5'"  sing N N 46  
C  "C5'" "C4'"  sing N N 47  
C  "C5'" "H5'"  sing N N 48  
C  "C5'" "H5''" sing N N 49  
C  "C4'" "O4'"  sing N N 50  
C  "C4'" "C3'"  sing N N 51  
C  "C4'" "H4'"  sing N N 52  
C  "O4'" "C1'"  sing N N 53  
C  "C3'" "O3'"  sing N N 54  
C  "C3'" "C2'"  sing N N 55  
C  "C3'" "H3'"  sing N N 56  
C  "O3'" "HO3'" sing N N 57  
C  "C2'" "O2'"  sing N N 58  
C  "C2'" "C1'"  sing N N 59  
C  "C2'" "H2'"  sing N N 60  
C  "O2'" "HO2'" sing N N 61  
C  "C1'" N1     sing N N 62  
C  "C1'" "H1'"  sing N N 63  
C  N1    C2     sing N N 64  
C  N1    C6     sing N N 65  
C  C2    O2     doub N N 66  
C  C2    N3     sing N N 67  
C  N3    C4     doub N N 68  
C  C4    N4     sing N N 69  
C  C4    C5     sing N N 70  
C  N4    H41    sing N N 71  
C  N4    H42    sing N N 72  
C  C5    C6     doub N N 73  
C  C5    H5     sing N N 74  
C  C6    H6     sing N N 75  
CH OP3   P      sing N N 76  
CH OP3   HOP3   sing N N 77  
CH P     OP1    doub N N 78  
CH P     OP2    sing N N 79  
CH P     "O5'"  sing N N 80  
CH OP2   HOP2   sing N N 81  
CH "O5'" "C5'"  sing N N 82  
CH "C5'" "C4'"  sing N N 83  
CH "C5'" "H5'"  sing N N 84  
CH "C5'" "H5''" sing N N 85  
CH "C4'" "O4'"  sing N N 86  
CH "C4'" "C3'"  sing N N 87  
CH "C4'" "H4'"  sing N N 88  
CH "O4'" "C1'"  sing N N 89  
CH "C3'" "O3'"  sing N N 90  
CH "C3'" "C2'"  sing N N 91  
CH "C3'" "H3'"  sing N N 92  
CH "O3'" "HO3'" sing N N 93  
CH "C2'" "O2'"  sing N N 94  
CH "C2'" "C1'"  sing N N 95  
CH "C2'" "H2'"  sing N N 96  
CH "O2'" "HO2'" sing N N 97  
CH "C1'" N1     sing N N 98  
CH "C1'" "H1'"  sing N N 99  
CH N1    C2     sing N N 100 
CH N1    C6     doub N N 101 
CH C2    O2     doub N N 102 
CH C2    N3     sing N N 103 
CH N3    C4     sing N N 104 
CH N3    HN3    sing N N 105 
CH C4    N4     sing N N 106 
CH C4    C5     doub N N 107 
CH N4    H41    sing N N 108 
CH N4    H42    sing N N 109 
CH C5    C6     sing N N 110 
CH C5    H5     sing N N 111 
CH C6    H6     sing N N 112 
G  OP3   P      sing N N 113 
G  OP3   HOP3   sing N N 114 
G  P     OP1    doub N N 115 
G  P     OP2    sing N N 116 
G  P     "O5'"  sing N N 117 
G  OP2   HOP2   sing N N 118 
G  "O5'" "C5'"  sing N N 119 
G  "C5'" "C4'"  sing N N 120 
G  "C5'" "H5'"  sing N N 121 
G  "C5'" "H5''" sing N N 122 
G  "C4'" "O4'"  sing N N 123 
G  "C4'" "C3'"  sing N N 124 
G  "C4'" "H4'"  sing N N 125 
G  "O4'" "C1'"  sing N N 126 
G  "C3'" "O3'"  sing N N 127 
G  "C3'" "C2'"  sing N N 128 
G  "C3'" "H3'"  sing N N 129 
G  "O3'" "HO3'" sing N N 130 
G  "C2'" "O2'"  sing N N 131 
G  "C2'" "C1'"  sing N N 132 
G  "C2'" "H2'"  sing N N 133 
G  "O2'" "HO2'" sing N N 134 
G  "C1'" N9     sing N N 135 
G  "C1'" "H1'"  sing N N 136 
G  N9    C8     sing Y N 137 
G  N9    C4     sing Y N 138 
G  C8    N7     doub Y N 139 
G  C8    H8     sing N N 140 
G  N7    C5     sing Y N 141 
G  C5    C6     sing N N 142 
G  C5    C4     doub Y N 143 
G  C6    O6     doub N N 144 
G  C6    N1     sing N N 145 
G  N1    C2     sing N N 146 
G  N1    H1     sing N N 147 
G  C2    N2     sing N N 148 
G  C2    N3     doub N N 149 
G  N2    H21    sing N N 150 
G  N2    H22    sing N N 151 
G  N3    C4     sing N N 152 
U  OP3   P      sing N N 153 
U  OP3   HOP3   sing N N 154 
U  P     OP1    doub N N 155 
U  P     OP2    sing N N 156 
U  P     "O5'"  sing N N 157 
U  OP2   HOP2   sing N N 158 
U  "O5'" "C5'"  sing N N 159 
U  "C5'" "C4'"  sing N N 160 
U  "C5'" "H5'"  sing N N 161 
U  "C5'" "H5''" sing N N 162 
U  "C4'" "O4'"  sing N N 163 
U  "C4'" "C3'"  sing N N 164 
U  "C4'" "H4'"  sing N N 165 
U  "O4'" "C1'"  sing N N 166 
U  "C3'" "O3'"  sing N N 167 
U  "C3'" "C2'"  sing N N 168 
U  "C3'" "H3'"  sing N N 169 
U  "O3'" "HO3'" sing N N 170 
U  "C2'" "O2'"  sing N N 171 
U  "C2'" "C1'"  sing N N 172 
U  "C2'" "H2'"  sing N N 173 
U  "O2'" "HO2'" sing N N 174 
U  "C1'" N1     sing N N 175 
U  "C1'" "H1'"  sing N N 176 
U  N1    C2     sing N N 177 
U  N1    C6     sing N N 178 
U  C2    O2     doub N N 179 
U  C2    N3     sing N N 180 
U  N3    C4     sing N N 181 
U  N3    H3     sing N N 182 
U  C4    O4     doub N N 183 
U  C4    C5     sing N N 184 
U  C5    C6     doub N N 185 
U  C5    H5     sing N N 186 
U  C6    H6     sing N N 187 
# 
loop_
_ndb_struct_conf_na.entry_id 
_ndb_struct_conf_na.feature 
2RP1 'double helix'        
2RP1 'a-form double helix' 
2RP1 'quadruple helix'     
# 
loop_
_ndb_struct_na_base_pair.model_number 
_ndb_struct_na_base_pair.i_label_asym_id 
_ndb_struct_na_base_pair.i_label_comp_id 
_ndb_struct_na_base_pair.i_label_seq_id 
_ndb_struct_na_base_pair.i_symmetry 
_ndb_struct_na_base_pair.j_label_asym_id 
_ndb_struct_na_base_pair.j_label_comp_id 
_ndb_struct_na_base_pair.j_label_seq_id 
_ndb_struct_na_base_pair.j_symmetry 
_ndb_struct_na_base_pair.shear 
_ndb_struct_na_base_pair.stretch 
_ndb_struct_na_base_pair.stagger 
_ndb_struct_na_base_pair.buckle 
_ndb_struct_na_base_pair.propeller 
_ndb_struct_na_base_pair.opening 
_ndb_struct_na_base_pair.pair_number 
_ndb_struct_na_base_pair.pair_name 
_ndb_struct_na_base_pair.i_auth_asym_id 
_ndb_struct_na_base_pair.i_auth_seq_id 
_ndb_struct_na_base_pair.i_PDB_ins_code 
_ndb_struct_na_base_pair.j_auth_asym_id 
_ndb_struct_na_base_pair.j_auth_seq_id 
_ndb_struct_na_base_pair.j_PDB_ins_code 
_ndb_struct_na_base_pair.hbond_type_28 
_ndb_struct_na_base_pair.hbond_type_12 
1 A U 1  1_555 A A 16 1_555 0.002  -0.150 -0.013 0.497  -0.353 1.251  1 A_U4:A19_A  A 4  ? A 19 ? 20 1 
1 A C 2  1_555 A G 15 1_555 0.116  -0.130 0.012  0.150  0.714  -1.971 2 A_C5:G18_A  A 5  ? A 18 ? 19 1 
1 A C 3  1_555 A G 14 1_555 0.144  -0.130 -0.004 -0.127 -0.408 -1.757 3 A_C6:G17_A  A 6  ? A 17 ? 19 1 
1 A G 4  1_555 A C 13 1_555 -0.118 -0.111 0.013  0.515  -0.943 -1.358 4 A_G7:C16_A  A 7  ? A 16 ? 19 1 
1 A G 5  1_555 A C 12 1_555 -0.330 -0.189 0.067  -1.116 -3.274 -6.586 5 A_G8:C15_A  A 8  ? A 15 ? 19 1 
1 A A 24 1_555 A U 6  1_555 0.834  -3.569 -1.198 20.616 3.168  74.930 6 A_A27:U9_A  A 27 ? A 9  ? 23 3 
1 A G 25 1_555 A C 10 1_555 -0.115 -0.112 0.034  -2.269 -5.154 -1.726 7 A_G28:C13_A A 28 ? A 13 ? 19 1 
1 A G 8  1_555 A C 27 1_555 -0.146 -0.107 0.017  -3.297 -3.887 -0.449 8 A_G11:C30_A A 11 ? A 30 ? 19 1 
# 
loop_
_ndb_struct_na_base_pair_step.model_number 
_ndb_struct_na_base_pair_step.i_label_asym_id_1 
_ndb_struct_na_base_pair_step.i_label_comp_id_1 
_ndb_struct_na_base_pair_step.i_label_seq_id_1 
_ndb_struct_na_base_pair_step.i_symmetry_1 
_ndb_struct_na_base_pair_step.j_label_asym_id_1 
_ndb_struct_na_base_pair_step.j_label_comp_id_1 
_ndb_struct_na_base_pair_step.j_label_seq_id_1 
_ndb_struct_na_base_pair_step.j_symmetry_1 
_ndb_struct_na_base_pair_step.i_label_asym_id_2 
_ndb_struct_na_base_pair_step.i_label_comp_id_2 
_ndb_struct_na_base_pair_step.i_label_seq_id_2 
_ndb_struct_na_base_pair_step.i_symmetry_2 
_ndb_struct_na_base_pair_step.j_label_asym_id_2 
_ndb_struct_na_base_pair_step.j_label_comp_id_2 
_ndb_struct_na_base_pair_step.j_label_seq_id_2 
_ndb_struct_na_base_pair_step.j_symmetry_2 
_ndb_struct_na_base_pair_step.shift 
_ndb_struct_na_base_pair_step.slide 
_ndb_struct_na_base_pair_step.rise 
_ndb_struct_na_base_pair_step.tilt 
_ndb_struct_na_base_pair_step.roll 
_ndb_struct_na_base_pair_step.twist 
_ndb_struct_na_base_pair_step.x_displacement 
_ndb_struct_na_base_pair_step.y_displacement 
_ndb_struct_na_base_pair_step.helical_rise 
_ndb_struct_na_base_pair_step.inclination 
_ndb_struct_na_base_pair_step.tip 
_ndb_struct_na_base_pair_step.helical_twist 
_ndb_struct_na_base_pair_step.step_number 
_ndb_struct_na_base_pair_step.step_name 
_ndb_struct_na_base_pair_step.i_auth_asym_id_1 
_ndb_struct_na_base_pair_step.i_auth_seq_id_1 
_ndb_struct_na_base_pair_step.i_PDB_ins_code_1 
_ndb_struct_na_base_pair_step.j_auth_asym_id_1 
_ndb_struct_na_base_pair_step.j_auth_seq_id_1 
_ndb_struct_na_base_pair_step.j_PDB_ins_code_1 
_ndb_struct_na_base_pair_step.i_auth_asym_id_2 
_ndb_struct_na_base_pair_step.i_auth_seq_id_2 
_ndb_struct_na_base_pair_step.i_PDB_ins_code_2 
_ndb_struct_na_base_pair_step.j_auth_asym_id_2 
_ndb_struct_na_base_pair_step.j_auth_seq_id_2 
_ndb_struct_na_base_pair_step.j_PDB_ins_code_2 
1 A U 1  1_555 A A 16 1_555 A C 2  1_555 A G 15 1_555 0.418  -1.695 3.930  -0.054   -3.969  29.270  -2.283 -0.835 4.118  -7.809  
0.105   29.532  1 AA_U4C5:G18A19_AA   A 4  ? A 19 ? A 5  ? A 18 ? 
1 A C 2  1_555 A G 15 1_555 A C 3  1_555 A G 14 1_555 -0.901 -1.853 3.463  2.494    17.506  31.458  -5.275 1.783  2.100  29.548  
-4.209  35.978  2 AA_C5C6:G17G18_AA   A 5  ? A 18 ? A 6  ? A 17 ? 
1 A C 3  1_555 A G 14 1_555 A G 4  1_555 A C 13 1_555 -0.139 -0.123 3.921  -1.254   15.168  33.708  -2.653 0.017  3.549  24.657  
2.038   36.894  3 AA_C6G7:C16G17_AA   A 6  ? A 17 ? A 7  ? A 16 ? 
1 A G 4  1_555 A C 13 1_555 A G 5  1_555 A C 12 1_555 0.751  -0.634 4.154  -1.603   9.934   34.295  -2.817 -1.513 3.792  16.413  
2.649   35.698  4 AA_G7G8:C15C16_AA   A 7  ? A 16 ? A 8  ? A 15 ? 
1 A G 5  1_555 A C 12 1_555 A A 24 1_555 A U 6  1_555 -6.174 -0.428 1.419  16.637   -11.877 26.271  -0.867 10.649 -1.761 -22.328 
-31.277 33.176  5 AA_G8A27:U9C15_AA   A 8  ? A 15 ? A 27 ? A 9  ? 
1 A A 24 1_555 A U 6  1_555 A G 25 1_555 A C 10 1_555 0.368  -2.432 4.009  -1.973   5.884   80.849  -2.053 -0.344 3.848  4.531   
1.519   81.046  6 AA_A27G28:C13U9_AA  A 27 ? A 9  ? A 28 ? A 13 ? 
1 A G 25 1_555 A C 10 1_555 A G 8  1_555 A C 27 1_555 2.752  -5.457 -3.483 -138.087 -82.784 101.133 -3.285 -0.480 -2.424 -42.490 
70.875  167.965 7 AA_G28G11:C30C13_AA A 28 ? A 13 ? A 11 ? A 30 ? 
# 
loop_
_pdbx_nmr_spectrometer.field_strength 
_pdbx_nmr_spectrometer.manufacturer 
_pdbx_nmr_spectrometer.model 
_pdbx_nmr_spectrometer.spectrometer_id 
_pdbx_nmr_spectrometer.type 
900 Bruker AVANCE 1 'Bruker Avance' 
800 Bruker AVANCE 2 'Bruker Avance' 
500 Varian INOVA  3 'Varian INOVA'  
600 Varian INOVA  4 'Varian INOVA'  
# 
_atom_sites.entry_id                    2RP1 
_atom_sites.fract_transf_matrix[1][1]   1.000000 
_atom_sites.fract_transf_matrix[1][2]   0.000000 
_atom_sites.fract_transf_matrix[1][3]   0.000000 
_atom_sites.fract_transf_matrix[2][1]   0.000000 
_atom_sites.fract_transf_matrix[2][2]   1.000000 
_atom_sites.fract_transf_matrix[2][3]   0.000000 
_atom_sites.fract_transf_matrix[3][1]   0.000000 
_atom_sites.fract_transf_matrix[3][2]   0.000000 
_atom_sites.fract_transf_matrix[3][3]   1.000000 
_atom_sites.fract_transf_vector[1]      0.00000 
_atom_sites.fract_transf_vector[2]      0.00000 
_atom_sites.fract_transf_vector[3]      0.00000 
# 
loop_
_atom_type.symbol 
C 
H 
N 
O 
P 
# 
loop_
_atom_site.group_PDB 
_atom_site.id 
_atom_site.type_symbol 
_atom_site.label_atom_id 
_atom_site.label_alt_id 
_atom_site.label_comp_id 
_atom_site.label_asym_id 
_atom_site.label_entity_id 
_atom_site.label_seq_id 
_atom_site.pdbx_PDB_ins_code 
_atom_site.Cartn_x 
_atom_site.Cartn_y 
_atom_site.Cartn_z 
_atom_site.occupancy 
_atom_site.B_iso_or_equiv 
_atom_site.pdbx_formal_charge 
_atom_site.auth_seq_id 
_atom_site.auth_comp_id 
_atom_site.auth_asym_id 
_atom_site.auth_atom_id 
_atom_site.pdbx_PDB_model_num 
ATOM   1   P P      . U  A 1 1  ? 7.032   -0.559  -14.016 1.00 1.77 ? 4  U  A P      1 
ATOM   2   O OP1    . U  A 1 1  ? 6.106   0.412   -13.490 1.00 2.17 ? 4  U  A OP1    1 
ATOM   3   O OP2    . U  A 1 1  ? 6.540   -1.844  -14.423 1.00 2.31 ? 4  U  A OP2    1 
ATOM   4   O "O5'"  . U  A 1 1  ? 8.343   -0.662  -13.134 1.00 1.63 ? 4  U  A "O5'"  1 
ATOM   5   C "C5'"  . U  A 1 1  ? 9.345   -1.567  -13.569 1.00 1.54 ? 4  U  A "C5'"  1 
ATOM   6   C "C4'"  . U  A 1 1  ? 10.410  -1.733  -12.516 1.00 1.47 ? 4  U  A "C4'"  1 
ATOM   7   O "O4'"  . U  A 1 1  ? 10.932  -0.447  -12.115 1.00 1.44 ? 4  U  A "O4'"  1 
ATOM   8   C "C3'"  . U  A 1 1  ? 9.808   -2.398  -11.319 1.00 1.41 ? 4  U  A "C3'"  1 
ATOM   9   O "O3'"  . U  A 1 1  ? 10.185  -3.782  -11.242 1.00 1.46 ? 4  U  A "O3'"  1 
ATOM   10  C "C2'"  . U  A 1 1  ? 10.257  -1.590  -10.118 1.00 1.33 ? 4  U  A "C2'"  1 
ATOM   11  O "O2'"  . U  A 1 1  ? 11.205  -2.312  -9.340  1.00 1.34 ? 4  U  A "O2'"  1 
ATOM   12  C "C1'"  . U  A 1 1  ? 10.880  -0.317  -10.683 1.00 1.34 ? 4  U  A "C1'"  1 
ATOM   13  N N1     . U  A 1 1  ? 10.095  0.862   -10.291 1.00 1.28 ? 4  U  A N1     1 
ATOM   14  C C2     . U  A 1 1  ? 10.420  1.469   -9.106  1.00 1.20 ? 4  U  A C2     1 
ATOM   15  O O2     . U  A 1 1  ? 11.324  1.051   -8.390  1.00 1.18 ? 4  U  A O2     1 
ATOM   16  N N3     . U  A 1 1  ? 9.666   2.574   -8.763  1.00 1.15 ? 4  U  A N3     1 
ATOM   17  C C4     . U  A 1 1  ? 8.629   3.119   -9.495  1.00 1.19 ? 4  U  A C4     1 
ATOM   18  O O4     . U  A 1 1  ? 8.026   4.112   -9.086  1.00 1.16 ? 4  U  A O4     1 
ATOM   19  C C5     . U  A 1 1  ? 8.356   2.415   -10.727 1.00 1.26 ? 4  U  A C5     1 
ATOM   20  C C6     . U  A 1 1  ? 9.091   1.322   -11.075 1.00 1.31 ? 4  U  A C6     1 
ATOM   21  H "H5'"  . U  A 1 1  ? 9.783   -1.249  -14.498 1.00 1.72 ? 4  U  A "H5'"  1 
ATOM   22  H "H5''" . U  A 1 1  ? 8.889   -2.494  -13.755 1.00 1.94 ? 4  U  A "H5''" 1 
ATOM   23  H "H4'"  . U  A 1 1  ? 11.213  -2.342  -12.914 1.00 1.53 ? 4  U  A "H4'"  1 
ATOM   24  H "H3'"  . U  A 1 1  ? 8.695   -2.303  -11.391 1.00 1.42 ? 4  U  A "H3'"  1 
ATOM   25  H "H2'"  . U  A 1 1  ? 9.396   -1.321  -9.505  1.00 1.29 ? 4  U  A "H2'"  1 
ATOM   26  H "HO2'" . U  A 1 1  ? 10.725  -2.922  -8.777  1.00 1.46 ? 4  U  A "HO2'" 1 
ATOM   27  H "H1'"  . U  A 1 1  ? 11.900  -0.208  -10.298 1.00 1.33 ? 4  U  A "H1'"  1 
ATOM   28  H H3     . U  A 1 1  ? 9.891   3.022   -7.899  1.00 1.11 ? 4  U  A H3     1 
ATOM   29  H H5     . U  A 1 1  ? 7.557   2.767   -11.385 1.00 1.30 ? 4  U  A H5     1 
ATOM   30  H H6     . U  A 1 1  ? 8.870   0.784   -11.983 1.00 1.37 ? 4  U  A H6     1 
ATOM   31  P P      . C  A 1 2  ? 9.312   -4.675  -10.288 1.00 1.52 ? 5  C  A P      1 
ATOM   32  O OP1    . C  A 1 2  ? 9.785   -6.031  -10.429 1.00 1.79 ? 5  C  A OP1    1 
ATOM   33  O OP2    . C  A 1 2  ? 7.872   -4.318  -10.404 1.00 2.46 ? 5  C  A OP2    1 
ATOM   34  O "O5'"  . C  A 1 2  ? 9.978   -4.257  -8.934  1.00 1.43 ? 5  C  A "O5'"  1 
ATOM   35  C "C5'"  . C  A 1 2  ? 9.526   -4.767  -7.728  1.00 1.27 ? 5  C  A "C5'"  1 
ATOM   36  C "C4'"  . C  A 1 2  ? 10.136  -3.901  -6.644  1.00 1.20 ? 5  C  A "C4'"  1 
ATOM   37  O "O4'"  . C  A 1 2  ? 10.178  -2.514  -6.995  1.00 1.21 ? 5  C  A "O4'"  1 
ATOM   38  C "C3'"  . C  A 1 2  ? 9.402   -4.000  -5.358  1.00 1.19 ? 5  C  A "C3'"  1 
ATOM   39  O "O3'"  . C  A 1 2  ? 9.908   -5.084  -4.634  1.00 1.32 ? 5  C  A "O3'"  1 
ATOM   40  C "C2'"  . C  A 1 2  ? 9.669   -2.692  -4.660  1.00 1.19 ? 5  C  A "C2'"  1 
ATOM   41  O "O2'"  . C  A 1 2  ? 10.783  -2.827  -3.776  1.00 1.29 ? 5  C  A "O2'"  1 
ATOM   42  C "C1'"  . C  A 1 2  ? 9.978   -1.718  -5.793  1.00 1.17 ? 5  C  A "C1'"  1 
ATOM   43  N N1     . C  A 1 2  ? 8.879   -0.747  -5.975  1.00 1.12 ? 5  C  A N1     1 
ATOM   44  C C2     . C  A 1 2  ? 8.720   0.207   -4.994  1.00 1.04 ? 5  C  A C2     1 
ATOM   45  O O2     . C  A 1 2  ? 9.505   0.250   -4.044  1.00 1.01 ? 5  C  A O2     1 
ATOM   46  N N3     . C  A 1 2  ? 7.699   1.097   -5.124  1.00 1.01 ? 5  C  A N3     1 
ATOM   47  C C4     . C  A 1 2  ? 6.869   1.046   -6.174  1.00 1.06 ? 5  C  A C4     1 
ATOM   48  N N4     . C  A 1 2  ? 5.875   1.918   -6.265  1.00 1.05 ? 5  C  A N4     1 
ATOM   49  C C5     . C  A 1 2  ? 7.033   0.062   -7.189  1.00 1.14 ? 5  C  A C5     1 
ATOM   50  C C6     . C  A 1 2  ? 8.045   -0.805  -7.058  1.00 1.16 ? 5  C  A C6     1 
ATOM   51  H "H5'"  . C  A 1 2  ? 9.761   -5.810  -7.564  1.00 1.72 ? 5  C  A "H5'"  1 
ATOM   52  H "H5''" . C  A 1 2  ? 8.493   -4.697  -7.733  1.00 1.48 ? 5  C  A "H5''" 1 
ATOM   53  H "H4'"  . C  A 1 2  ? 11.176  -4.239  -6.458  1.00 1.23 ? 5  C  A "H4'"  1 
ATOM   54  H "H3'"  . C  A 1 2  ? 8.313   -4.104  -5.526  1.00 1.19 ? 5  C  A "H3'"  1 
ATOM   55  H "H2'"  . C  A 1 2  ? 8.777   -2.361  -4.111  1.00 1.18 ? 5  C  A "H2'"  1 
ATOM   56  H "HO2'" . C  A 1 2  ? 10.469  -2.671  -2.873  1.00 1.53 ? 5  C  A "HO2'" 1 
ATOM   57  H "H1'"  . C  A 1 2  ? 10.904  -1.175  -5.570  1.00 1.23 ? 5  C  A "H1'"  1 
ATOM   58  H H41    . C  A 1 2  ? 5.755   2.622   -5.548  1.00 1.00 ? 5  C  A H41    1 
ATOM   59  H H42    . C  A 1 2  ? 5.240   1.878   -7.048  1.00 1.09 ? 5  C  A H42    1 
ATOM   60  H H5     . C  A 1 2  ? 6.353   0.008   -8.040  1.00 1.18 ? 5  C  A H5     1 
ATOM   61  H H6     . C  A 1 2  ? 8.229   -1.516  -7.847  1.00 1.23 ? 5  C  A H6     1 
ATOM   62  P P      . C  A 1 3  ? 8.969   -5.810  -3.624  1.00 1.31 ? 6  C  A P      1 
ATOM   63  O OP1    . C  A 1 3  ? 9.707   -6.907  -3.050  1.00 1.86 ? 6  C  A OP1    1 
ATOM   64  O OP2    . C  A 1 3  ? 7.704   -6.102  -4.256  1.00 1.87 ? 6  C  A OP2    1 
ATOM   65  O "O5'"  . C  A 1 3  ? 8.801   -4.740  -2.470  1.00 1.07 ? 6  C  A "O5'"  1 
ATOM   66  C "C5'"  . C  A 1 3  ? 9.257   -5.203  -1.210  1.00 1.05 ? 6  C  A "C5'"  1 
ATOM   67  C "C4'"  . C  A 1 3  ? 8.979   -4.246  -0.068  1.00 0.84 ? 6  C  A "C4'"  1 
ATOM   68  O "O4'"  . C  A 1 3  ? 8.875   -2.866  -0.462  1.00 0.78 ? 6  C  A "O4'"  1 
ATOM   69  C "C3'"  . C  A 1 3  ? 7.682   -4.620  0.586   1.00 0.80 ? 6  C  A "C3'"  1 
ATOM   70  O "O3'"  . C  A 1 3  ? 7.964   -5.454  1.699   1.00 0.91 ? 6  C  A "O3'"  1 
ATOM   71  C "C2'"  . C  A 1 3  ? 7.014   -3.328  0.987   1.00 0.72 ? 6  C  A "C2'"  1 
ATOM   72  O "O2'"  . C  A 1 3  ? 7.068   -3.159  2.405   1.00 0.75 ? 6  C  A "O2'"  1 
ATOM   73  C "C1'"  . C  A 1 3  ? 7.782   -2.240  0.263   1.00 0.72 ? 6  C  A "C1'"  1 
ATOM   74  N N1     . C  A 1 3  ? 6.919   -1.547  -0.676  1.00 0.71 ? 6  C  A N1     1 
ATOM   75  C C2     . C  A 1 3  ? 6.288   -0.412  -0.222  1.00 0.67 ? 6  C  A C2     1 
ATOM   76  O O2     . C  A 1 3  ? 6.443   -0.051  0.948   1.00 0.64 ? 6  C  A O2     1 
ATOM   77  N N3     . C  A 1 3  ? 5.501   0.270   -1.096  1.00 0.68 ? 6  C  A N3     1 
ATOM   78  C C4     . C  A 1 3  ? 5.349   -0.155  -2.357  1.00 0.73 ? 6  C  A C4     1 
ATOM   79  N N4     . C  A 1 3  ? 4.580   0.535   -3.190  1.00 0.76 ? 6  C  A N4     1 
ATOM   80  C C5     . C  A 1 3  ? 6.006   -1.337  -2.822  1.00 0.78 ? 6  C  A C5     1 
ATOM   81  C C6     . C  A 1 3  ? 6.778   -1.998  -1.950  1.00 0.77 ? 6  C  A C6     1 
ATOM   82  H "H5'"  . C  A 1 3  ? 10.306  -5.428  -1.265  1.00 1.68 ? 6  C  A "H5'"  1 
ATOM   83  H "H5''" . C  A 1 3  ? 8.774   -6.124  -1.004  1.00 1.59 ? 6  C  A "H5''" 1 
ATOM   84  H "H4'"  . C  A 1 3  ? 9.780   -4.340  0.666   1.00 0.88 ? 6  C  A "H4'"  1 
ATOM   85  H "H3'"  . C  A 1 3  ? 7.035   -5.150  -0.130  1.00 0.98 ? 6  C  A "H3'"  1 
ATOM   86  H "H2'"  . C  A 1 3  ? 5.971   -3.325  0.651   1.00 0.73 ? 6  C  A "H2'"  1 
ATOM   87  H "HO2'" . C  A 1 3  ? 6.551   -3.871  2.803   1.00 0.88 ? 6  C  A "HO2'" 1 
ATOM   88  H "H1'"  . C  A 1 3  ? 8.169   -1.520  0.994   1.00 0.69 ? 6  C  A "H1'"  1 
ATOM   89  H H41    . C  A 1 3  ? 4.112   1.375   -2.869  1.00 0.74 ? 6  C  A H41    1 
ATOM   90  H H42    . C  A 1 3  ? 4.464   0.225   -4.142  1.00 0.81 ? 6  C  A H42    1 
ATOM   91  H H5     . C  A 1 3  ? 5.887   -1.683  -3.849  1.00 0.83 ? 6  C  A H5     1 
ATOM   92  H H6     . C  A 1 3  ? 7.290   -2.910  -2.261  1.00 0.81 ? 6  C  A H6     1 
ATOM   93  P P      . G  A 1 4  ? 6.882   -6.517  2.181   1.00 1.16 ? 7  G  A P      1 
ATOM   94  O OP1    . G  A 1 4  ? 7.505   -7.460  3.076   1.00 1.82 ? 7  G  A OP1    1 
ATOM   95  O OP2    . G  A 1 4  ? 6.205   -7.048  1.029   1.00 1.84 ? 7  G  A OP2    1 
ATOM   96  O "O5'"  . G  A 1 4  ? 5.894   -5.603  3.031   1.00 1.05 ? 7  G  A "O5'"  1 
ATOM   97  C "C5'"  . G  A 1 4  ? 6.217   -5.362  4.397   1.00 1.03 ? 7  G  A "C5'"  1 
ATOM   98  C "C4'"  . G  A 1 4  ? 5.178   -4.518  5.063   1.00 0.94 ? 7  G  A "C4'"  1 
ATOM   99  O "O4'"  . G  A 1 4  ? 4.962   -3.277  4.375   1.00 0.92 ? 7  G  A "O4'"  1 
ATOM   100 C "C3'"  . G  A 1 4  ? 3.890   -5.264  5.063   1.00 0.89 ? 7  G  A "C3'"  1 
ATOM   101 O "O3'"  . G  A 1 4  ? 3.685   -5.874  6.317   1.00 0.98 ? 7  G  A "O3'"  1 
ATOM   102 C "C2'"  . G  A 1 4  ? 2.807   -4.260  4.704   1.00 0.82 ? 7  G  A "C2'"  1 
ATOM   103 O "O2'"  . G  A 1 4  ? 2.005   -3.895  5.841   1.00 0.82 ? 7  G  A "O2'"  1 
ATOM   104 C "C1'"  . G  A 1 4  ? 3.555   -3.054  4.154   1.00 0.82 ? 7  G  A "C1'"  1 
ATOM   105 N N9     . G  A 1 4  ? 3.293   -2.857  2.712   1.00 0.80 ? 7  G  A N9     1 
ATOM   106 C C8     . G  A 1 4  ? 3.770   -3.533  1.632   1.00 0.87 ? 7  G  A C8     1 
ATOM   107 N N7     . G  A 1 4  ? 3.412   -3.115  0.460   1.00 0.87 ? 7  G  A N7     1 
ATOM   108 C C5     . G  A 1 4  ? 2.597   -2.027  0.782   1.00 0.80 ? 7  G  A C5     1 
ATOM   109 C C6     . G  A 1 4  ? 1.890   -1.135  -0.071  1.00 0.78 ? 7  G  A C6     1 
ATOM   110 O O6     . G  A 1 4  ? 1.852   -1.130  -1.299  1.00 0.84 ? 7  G  A O6     1 
ATOM   111 N N1     . G  A 1 4  ? 1.186   -0.182  0.660   1.00 0.72 ? 7  G  A N1     1 
ATOM   112 C C2     . G  A 1 4  ? 1.164   -0.096  2.041   1.00 0.68 ? 7  G  A C2     1 
ATOM   113 N N2     . G  A 1 4  ? 0.420   0.880   2.566   1.00 0.66 ? 7  G  A N2     1 
ATOM   114 N N3     . G  A 1 4  ? 1.828   -0.929  2.844   1.00 0.70 ? 7  G  A N3     1 
ATOM   115 C C4     . G  A 1 4  ? 2.518   -1.865  2.158   1.00 0.75 ? 7  G  A C4     1 
ATOM   116 H "H5'"  . G  A 1 4  ? 7.162   -4.848  4.483   1.00 1.16 ? 7  G  A "H5'"  1 
ATOM   117 H "H5''" . G  A 1 4  ? 6.287   -6.333  4.896   1.00 1.20 ? 7  G  A "H5''" 1 
ATOM   118 H "H4'"  . G  A 1 4  ? 5.480   -4.323  6.083   1.00 1.02 ? 7  G  A "H4'"  1 
ATOM   119 H "H3'"  . G  A 1 4  ? 3.920   -6.034  4.284   1.00 0.93 ? 7  G  A "H3'"  1 
ATOM   120 H "H2'"  . G  A 1 4  ? 2.168   -4.681  3.925   1.00 0.82 ? 7  G  A "H2'"  1 
ATOM   121 H "HO2'" . G  A 1 4  ? 1.070   -3.960  5.575   1.00 1.22 ? 7  G  A "HO2'" 1 
ATOM   122 H "H1'"  . G  A 1 4  ? 3.254   -2.151  4.698   1.00 0.79 ? 7  G  A "H1'"  1 
ATOM   123 H H8     . G  A 1 4  ? 4.429   -4.392  1.745   1.00 0.92 ? 7  G  A H8     1 
ATOM   124 H H1     . G  A 1 4  ? 0.648   0.492   0.116   1.00 0.72 ? 7  G  A H1     1 
ATOM   125 H H21    . G  A 1 4  ? 0.360   0.986   3.570   1.00 0.66 ? 7  G  A H21    1 
ATOM   126 H H22    . G  A 1 4  ? -0.088  1.509   1.961   1.00 0.66 ? 7  G  A H22    1 
ATOM   127 P P      . G  A 1 5  ? 2.372   -6.714  6.487   1.00 1.07 ? 8  G  A P      1 
ATOM   128 O OP1    . G  A 1 5  ? 2.327   -7.259  7.814   1.00 1.35 ? 8  G  A OP1    1 
ATOM   129 O OP2    . G  A 1 5  ? 2.259   -7.641  5.381   1.00 1.94 ? 8  G  A OP2    1 
ATOM   130 O "O5'"  . G  A 1 5  ? 1.284   -5.572  6.360   1.00 1.08 ? 8  G  A "O5'"  1 
ATOM   131 C "C5'"  . G  A 1 5  ? -0.012  -5.824  6.831   1.00 0.88 ? 8  G  A "C5'"  1 
ATOM   132 C "C4'"  . G  A 1 5  ? -0.927  -4.695  6.456   1.00 0.79 ? 8  G  A "C4'"  1 
ATOM   133 O "O4'"  . G  A 1 5  ? -0.438  -3.954  5.316   1.00 0.77 ? 8  G  A "O4'"  1 
ATOM   134 C "C3'"  . G  A 1 5  ? -2.266  -5.220  6.053   1.00 0.76 ? 8  G  A "C3'"  1 
ATOM   135 O "O3'"  . G  A 1 5  ? -3.114  -5.383  7.136   1.00 0.81 ? 8  G  A "O3'"  1 
ATOM   136 C "C2'"  . G  A 1 5  ? -2.798  -4.226  5.061   1.00 0.72 ? 8  G  A "C2'"  1 
ATOM   137 O "O2'"  . G  A 1 5  ? -3.612  -3.247  5.721   1.00 0.73 ? 8  G  A "O2'"  1 
ATOM   138 C "C1'"  . G  A 1 5  ? -1.556  -3.572  4.468   1.00 0.72 ? 8  G  A "C1'"  1 
ATOM   139 N N9     . G  A 1 5  ? -1.306  -3.984  3.071   1.00 0.73 ? 8  G  A N9     1 
ATOM   140 C C8     . G  A 1 5  ? -0.407  -4.881  2.586   1.00 0.77 ? 8  G  A C8     1 
ATOM   141 N N7     . G  A 1 5  ? -0.234  -4.923  1.306   1.00 0.80 ? 8  G  A N7     1 
ATOM   142 C C5     . G  A 1 5  ? -1.131  -3.947  0.869   1.00 0.76 ? 8  G  A C5     1 
ATOM   143 C C6     . G  A 1 5  ? -1.432  -3.513  -0.459  1.00 0.78 ? 8  G  A C6     1 
ATOM   144 O O6     . G  A 1 5  ? -0.918  -3.875  -1.512  1.00 0.83 ? 8  G  A O6     1 
ATOM   145 N N1     . G  A 1 5  ? -2.396  -2.521  -0.461  1.00 0.75 ? 8  G  A N1     1 
ATOM   146 C C2     . G  A 1 5  ? -3.013  -2.003  0.665   1.00 0.71 ? 8  G  A C2     1 
ATOM   147 N N2     . G  A 1 5  ? -3.885  -1.020  0.458   1.00 0.70 ? 8  G  A N2     1 
ATOM   148 N N3     . G  A 1 5  ? -2.748  -2.412  1.892   1.00 0.69 ? 8  G  A N3     1 
ATOM   149 C C4     . G  A 1 5  ? -1.798  -3.375  1.934   1.00 0.72 ? 8  G  A C4     1 
ATOM   150 H "H5'"  . G  A 1 5  ? -0.013  -5.914  7.886   1.00 1.48 ? 8  G  A "H5'"  1 
ATOM   151 H "H5''" . G  A 1 5  ? -0.346  -6.768  6.433   1.00 1.26 ? 8  G  A "H5''" 1 
ATOM   152 H "H4'"  . G  A 1 5  ? -1.017  -4.009  7.300   1.00 0.78 ? 8  G  A "H4'"  1 
ATOM   153 H "H3'"  . G  A 1 5  ? -2.156  -6.188  5.548   1.00 0.80 ? 8  G  A "H3'"  1 
ATOM   154 H "H2'"  . G  A 1 5  ? -3.376  -4.739  4.295   1.00 0.73 ? 8  G  A "H2'"  1 
ATOM   155 H "HO2'" . G  A 1 5  ? -4.373  -3.692  6.121   1.00 1.07 ? 8  G  A "HO2'" 1 
ATOM   156 H "H1'"  . G  A 1 5  ? -1.675  -2.476  4.502   1.00 0.70 ? 8  G  A "H1'"  1 
ATOM   157 H H8     . G  A 1 5  ? 0.152   -5.534  3.253   1.00 0.80 ? 8  G  A H8     1 
ATOM   158 H H1     . G  A 1 5  ? -2.656  -2.166  -1.367  1.00 0.78 ? 8  G  A H1     1 
ATOM   159 H H21    . G  A 1 5  ? -4.060  -0.701  -0.501  1.00 1.11 ? 8  G  A H21    1 
ATOM   160 H H22    . G  A 1 5  ? -4.364  -0.575  1.260   1.00 1.15 ? 8  G  A H22    1 
ATOM   161 P P      . U  A 1 6  ? -4.519  -6.058  6.854   1.00 1.10 ? 9  U  A P      1 
ATOM   162 O OP1    . U  A 1 6  ? -4.743  -7.053  7.872   1.00 1.77 ? 9  U  A OP1    1 
ATOM   163 O OP2    . U  A 1 6  ? -4.603  -6.505  5.470   1.00 1.96 ? 9  U  A OP2    1 
ATOM   164 O "O5'"  . U  A 1 6  ? -5.487  -4.792  7.138   1.00 0.96 ? 9  U  A "O5'"  1 
ATOM   165 C "C5'"  . U  A 1 6  ? -5.777  -4.442  8.514   1.00 0.84 ? 9  U  A "C5'"  1 
ATOM   166 C "C4'"  . U  A 1 6  ? -6.817  -3.335  8.584   1.00 0.81 ? 9  U  A "C4'"  1 
ATOM   167 O "O4'"  . U  A 1 6  ? -6.433  -2.171  7.832   1.00 0.76 ? 9  U  A "O4'"  1 
ATOM   168 C "C3'"  . U  A 1 6  ? -8.158  -3.790  8.042   1.00 0.82 ? 9  U  A "C3'"  1 
ATOM   169 O "O3'"  . U  A 1 6  ? -8.978  -4.316  9.075   1.00 0.89 ? 9  U  A "O3'"  1 
ATOM   170 C "C2'"  . U  A 1 6  ? -8.769  -2.555  7.450   1.00 0.79 ? 9  U  A "C2'"  1 
ATOM   171 O "O2'"  . U  A 1 6  ? -9.637  -1.915  8.412   1.00 0.85 ? 9  U  A "O2'"  1 
ATOM   172 C "C1'"  . U  A 1 6  ? -7.566  -1.684  7.085   1.00 0.74 ? 9  U  A "C1'"  1 
ATOM   173 N N1     . U  A 1 6  ? -7.280  -1.773  5.640   1.00 0.70 ? 9  U  A N1     1 
ATOM   174 C C2     . U  A 1 6  ? -7.726  -0.743  4.837   1.00 0.70 ? 9  U  A C2     1 
ATOM   175 O O2     . U  A 1 6  ? -8.301  0.244   5.292   1.00 0.73 ? 9  U  A O2     1 
ATOM   176 N N3     . U  A 1 6  ? -7.484  -0.884  3.483   1.00 0.67 ? 9  U  A N3     1 
ATOM   177 C C4     . U  A 1 6  ? -6.839  -1.945  2.867   1.00 0.66 ? 9  U  A C4     1 
ATOM   178 O O4     . U  A 1 6  ? -6.682  -1.963  1.651   1.00 0.67 ? 9  U  A O4     1 
ATOM   179 C C5     . U  A 1 6  ? -6.402  -2.970  3.778   1.00 0.67 ? 9  U  A C5     1 
ATOM   180 C C6     . U  A 1 6  ? -6.630  -2.860  5.112   1.00 0.68 ? 9  U  A C6     1 
ATOM   181 H "H5'"  . U  A 1 6  ? -4.874  -4.139  9.027   1.00 1.36 ? 9  U  A "H5'"  1 
ATOM   182 H "H5''" . U  A 1 6  ? -6.160  -5.300  9.039   1.00 0.99 ? 9  U  A "H5''" 1 
ATOM   183 H "H4'"  . U  A 1 6  ? -6.953  -3.045  9.622   1.00 0.84 ? 9  U  A "H4'"  1 
ATOM   184 H "H3'"  . U  A 1 6  ? -8.018  -4.533  7.264   1.00 0.83 ? 9  U  A "H3'"  1 
ATOM   185 H "H2'"  . U  A 1 6  ? -9.327  -2.797  6.555   1.00 0.79 ? 9  U  A "H2'"  1 
ATOM   186 H "HO2'" . U  A 1 6  ? -9.440  -0.967  8.400   1.00 1.22 ? 9  U  A "HO2'" 1 
ATOM   187 H "H1'"  . U  A 1 6  ? -7.763  -0.645  7.355   1.00 0.75 ? 9  U  A "H1'"  1 
ATOM   188 H H3     . U  A 1 6  ? -7.819  -0.142  2.881   1.00 0.68 ? 9  U  A H3     1 
ATOM   189 H H5     . U  A 1 6  ? -5.886  -3.850  3.390   1.00 0.67 ? 9  U  A H5     1 
ATOM   190 H H6     . U  A 1 6  ? -6.295  -3.654  5.776   1.00 0.70 ? 9  U  A H6     1 
HETATM 191 P P      . CH A 1 7  ? -10.436 -4.885  8.719   1.00 0.96 ? 10 CH A P      1 
HETATM 192 O OP1    . CH A 1 7  ? -11.434 -3.876  8.943   1.00 1.77 ? 10 CH A OP1    1 
HETATM 193 O OP2    . CH A 1 7  ? -10.630 -6.120  9.430   1.00 1.54 ? 10 CH A OP2    1 
HETATM 194 O "O5'"  . CH A 1 7  ? -10.329 -5.229  7.146   1.00 0.89 ? 10 CH A "O5'"  1 
HETATM 195 C "C5'"  . CH A 1 7  ? -10.827 -6.478  6.621   1.00 0.93 ? 10 CH A "C5'"  1 
HETATM 196 C "C4'"  . CH A 1 7  ? -10.346 -6.684  5.171   1.00 0.88 ? 10 CH A "C4'"  1 
HETATM 197 O "O4'"  . CH A 1 7  ? -10.976 -5.748  4.291   1.00 0.86 ? 10 CH A "O4'"  1 
HETATM 198 C "C3'"  . CH A 1 7  ? -8.844  -6.446  5.052   1.00 0.83 ? 10 CH A "C3'"  1 
HETATM 199 O "O3'"  . CH A 1 7  ? -8.241  -7.464  4.258   1.00 0.85 ? 10 CH A "O3'"  1 
HETATM 200 C "C2'"  . CH A 1 7  ? -8.696  -5.132  4.342   1.00 0.77 ? 10 CH A "C2'"  1 
HETATM 201 O "O2'"  . CH A 1 7  ? -7.541  -5.102  3.494   1.00 0.72 ? 10 CH A "O2'"  1 
HETATM 202 C "C1'"  . CH A 1 7  ? -9.970  -5.038  3.549   1.00 0.79 ? 10 CH A "C1'"  1 
HETATM 203 N N1     . CH A 1 7  ? -10.373 -3.661  3.262   1.00 0.77 ? 10 CH A N1     1 
HETATM 204 C C2     . CH A 1 7  ? -10.132 -3.230  1.970   1.00 0.75 ? 10 CH A C2     1 
HETATM 205 O O2     . CH A 1 7  ? -9.476  -3.896  1.173   1.00 0.74 ? 10 CH A O2     1 
HETATM 206 N N3     . CH A 1 7  ? -10.648 -2.004  1.637   1.00 0.75 ? 10 CH A N3     1 
HETATM 207 C C4     . CH A 1 7  ? -11.353 -1.236  2.500   1.00 0.78 ? 10 CH A C4     1 
HETATM 208 N N4     . CH A 1 7  ? -11.874 -0.107  2.020   1.00 0.80 ? 10 CH A N4     1 
HETATM 209 C C5     . CH A 1 7  ? -11.577 -1.684  3.837   1.00 0.80 ? 10 CH A C5     1 
HETATM 210 C C6     . CH A 1 7  ? -11.069 -2.898  4.178   1.00 0.80 ? 10 CH A C6     1 
HETATM 211 H "H5'"  . CH A 1 7  ? -11.885 -6.463  6.664   1.00 1.33 ? 10 CH A "H5'"  1 
HETATM 212 H "H5''" . CH A 1 7  ? -10.517 -7.300  7.222   1.00 1.26 ? 10 CH A "H5''" 1 
HETATM 213 H "H4'"  . CH A 1 7  ? -10.590 -7.706  4.859   1.00 0.93 ? 10 CH A "H4'"  1 
HETATM 214 H "H3'"  . CH A 1 7  ? -8.382  -6.393  6.047   1.00 0.84 ? 10 CH A "H3'"  1 
HETATM 215 H "H2'"  . CH A 1 7  ? -8.640  -4.335  5.073   1.00 0.76 ? 10 CH A "H2'"  1 
HETATM 216 H "HO2'" . CH A 1 7  ? -6.836  -5.584  3.940   1.00 1.04 ? 10 CH A "HO2'" 1 
HETATM 217 H "H1'"  . CH A 1 7  ? -9.829  -5.556  2.596   1.00 0.80 ? 10 CH A "H1'"  1 
HETATM 218 H HN3    . CH A 1 7  ? -10.585 -1.735  0.665   1.00 0.75 ? 10 CH A HN3    1 
HETATM 219 H H41    . CH A 1 7  ? -12.455 0.470   2.611   1.00 0.83 ? 10 CH A H41    1 
HETATM 220 H H42    . CH A 1 7  ? -11.703 0.160   1.062   1.00 0.80 ? 10 CH A H42    1 
HETATM 221 H H5     . CH A 1 7  ? -12.139 -1.084  4.552   1.00 0.84 ? 10 CH A H5     1 
HETATM 222 H H6     . CH A 1 7  ? -11.192 -3.260  5.199   1.00 0.83 ? 10 CH A H6     1 
ATOM   223 P P      . G  A 1 8  ? -7.907  -8.901  4.855   1.00 0.96 ? 11 G  A P      1 
ATOM   224 O OP1    . G  A 1 8  ? -9.045  -9.400  5.581   1.00 1.74 ? 11 G  A OP1    1 
ATOM   225 O OP2    . G  A 1 8  ? -6.661  -8.804  5.578   1.00 1.61 ? 11 G  A OP2    1 
ATOM   226 O "O5'"  . G  A 1 8  ? -7.653  -9.781  3.545   1.00 0.97 ? 11 G  A "O5'"  1 
ATOM   227 C "C5'"  . G  A 1 8  ? -7.004  -11.045 3.670   1.00 1.09 ? 11 G  A "C5'"  1 
ATOM   228 C "C4'"  . G  A 1 8  ? -7.611  -12.070 2.750   1.00 1.13 ? 11 G  A "C4'"  1 
ATOM   229 O "O4'"  . G  A 1 8  ? -9.019  -12.190 2.960   1.00 1.17 ? 11 G  A "O4'"  1 
ATOM   230 C "C3'"  . G  A 1 8  ? -7.383  -11.693 1.321   1.00 1.10 ? 11 G  A "C3'"  1 
ATOM   231 O "O3'"  . G  A 1 8  ? -6.432  -12.598 0.786   1.00 1.14 ? 11 G  A "O3'"  1 
ATOM   232 C "C2'"  . G  A 1 8  ? -8.737  -11.738 0.643   1.00 1.13 ? 11 G  A "C2'"  1 
ATOM   233 O "O2'"  . G  A 1 8  ? -8.887  -12.893 -0.202  1.00 1.20 ? 11 G  A "O2'"  1 
ATOM   234 C "C1'"  . G  A 1 8  ? -9.729  -11.793 1.787   1.00 1.16 ? 11 G  A "C1'"  1 
ATOM   235 N N9     . G  A 1 8  ? -10.378 -10.495 2.028   1.00 1.11 ? 11 G  A N9     1 
ATOM   236 C C8     . G  A 1 8  ? -10.688 -9.885  3.206   1.00 1.09 ? 11 G  A C8     1 
ATOM   237 N N7     . G  A 1 8  ? -11.481 -8.866  3.162   1.00 1.08 ? 11 G  A N7     1 
ATOM   238 C C5     . G  A 1 8  ? -11.728 -8.765  1.790   1.00 1.09 ? 11 G  A C5     1 
ATOM   239 C C6     . G  A 1 8  ? -12.540 -7.845  1.071   1.00 1.10 ? 11 G  A C6     1 
ATOM   240 O O6     . G  A 1 8  ? -13.254 -6.944  1.516   1.00 1.10 ? 11 G  A O6     1 
ATOM   241 N N1     . G  A 1 8  ? -12.501 -8.103  -0.300  1.00 1.13 ? 11 G  A N1     1 
ATOM   242 C C2     . G  A 1 8  ? -11.772 -9.114  -0.898  1.00 1.15 ? 11 G  A C2     1 
ATOM   243 N N2     . G  A 1 8  ? -11.832 -9.192  -2.226  1.00 1.20 ? 11 G  A N2     1 
ATOM   244 N N3     . G  A 1 8  ? -11.019 -9.976  -0.228  1.00 1.14 ? 11 G  A N3     1 
ATOM   245 C C4     . G  A 1 8  ? -11.042 -9.751  1.097   1.00 1.11 ? 11 G  A C4     1 
ATOM   246 H "H5'"  . G  A 1 8  ? -7.107  -11.419 4.677   1.00 1.32 ? 11 G  A "H5'"  1 
ATOM   247 H "H5''" . G  A 1 8  ? -5.948  -10.912 3.452   1.00 1.24 ? 11 G  A "H5''" 1 
ATOM   248 H "H4'"  . G  A 1 8  ? -7.142  -13.022 2.937   1.00 1.19 ? 11 G  A "H4'"  1 
ATOM   249 H "H3'"  . G  A 1 8  ? -6.994  -10.656 1.275   1.00 1.06 ? 11 G  A "H3'"  1 
ATOM   250 H "H2'"  . G  A 1 8  ? -8.889  -10.828 0.060   1.00 1.10 ? 11 G  A "H2'"  1 
ATOM   251 H "HO2'" . G  A 1 8  ? -8.233  -12.838 -0.908  1.00 1.39 ? 11 G  A "HO2'" 1 
ATOM   252 H "H1'"  . G  A 1 8  ? -10.496 -12.538 1.564   1.00 1.21 ? 11 G  A "H1'"  1 
ATOM   253 H H8     . G  A 1 8  ? -10.266 -10.230 4.152   1.00 1.10 ? 11 G  A H8     1 
ATOM   254 H H1     . G  A 1 8  ? -13.077 -7.503  -0.885  1.00 1.15 ? 11 G  A H1     1 
ATOM   255 H H21    . G  A 1 8  ? -11.303 -9.902  -2.714  1.00 1.22 ? 11 G  A H21    1 
ATOM   256 H H22    . G  A 1 8  ? -12.415 -8.551  -2.745  1.00 1.21 ? 11 G  A H22    1 
ATOM   257 P P      . A  A 1 9  ? -4.968  -12.012 0.539   1.00 1.14 ? 12 A  A P      1 
ATOM   258 O OP1    . A  A 1 9  ? -4.005  -12.982 0.958   1.00 1.76 ? 12 A  A OP1    1 
ATOM   259 O OP2    . A  A 1 9  ? -4.856  -10.697 1.104   1.00 1.75 ? 12 A  A OP2    1 
ATOM   260 O "O5'"  . A  A 1 9  ? -5.056  -11.884 -1.020  1.00 1.27 ? 12 A  A "O5'"  1 
ATOM   261 C "C5'"  . A  A 1 9  ? -4.105  -11.247 -1.836  1.00 1.09 ? 12 A  A "C5'"  1 
ATOM   262 C "C4'"  . A  A 1 9  ? -4.642  -11.418 -3.232  1.00 1.14 ? 12 A  A "C4'"  1 
ATOM   263 O "O4'"  . A  A 1 9  ? -6.056  -11.690 -3.118  1.00 1.17 ? 12 A  A "O4'"  1 
ATOM   264 C "C3'"  . A  A 1 9  ? -4.493  -10.162 -4.048  1.00 1.09 ? 12 A  A "C3'"  1 
ATOM   265 O "O3'"  . A  A 1 9  ? -3.424  -10.247 -4.987  1.00 1.13 ? 12 A  A "O3'"  1 
ATOM   266 C "C2'"  . A  A 1 9  ? -5.856  -9.946  -4.686  1.00 1.11 ? 12 A  A "C2'"  1 
ATOM   267 O "O2'"  . A  A 1 9  ? -5.953  -10.512 -5.996  1.00 1.19 ? 12 A  A "O2'"  1 
ATOM   268 C "C1'"  . A  A 1 9  ? -6.813  -10.652 -3.760  1.00 1.13 ? 12 A  A "C1'"  1 
ATOM   269 N N9     . A  A 1 9  ? -7.396  -9.698  -2.779  1.00 1.05 ? 12 A  A N9     1 
ATOM   270 C C8     . A  A 1 9  ? -7.332  -9.686  -1.422  1.00 1.03 ? 12 A  A C8     1 
ATOM   271 N N7     . A  A 1 9  ? -7.997  -8.771  -0.798  1.00 0.98 ? 12 A  A N7     1 
ATOM   272 C C5     . A  A 1 9  ? -8.582  -8.075  -1.860  1.00 0.97 ? 12 A  A C5     1 
ATOM   273 C C6     . A  A 1 9  ? -9.435  -6.964  -1.908  1.00 0.94 ? 12 A  A C6     1 
ATOM   274 N N6     . A  A 1 9  ? -9.887  -6.351  -0.816  1.00 0.92 ? 12 A  A N6     1 
ATOM   275 N N1     . A  A 1 9  ? -9.821  -6.527  -3.121  1.00 0.96 ? 12 A  A N1     1 
ATOM   276 C C2     . A  A 1 9  ? -9.396  -7.145  -4.225  1.00 1.00 ? 12 A  A C2     1 
ATOM   277 N N3     . A  A 1 9  ? -8.591  -8.205  -4.294  1.00 1.03 ? 12 A  A N3     1 
ATOM   278 C C4     . A  A 1 9  ? -8.218  -8.625  -3.067  1.00 1.01 ? 12 A  A C4     1 
ATOM   279 H "H5'"  . A  A 1 9  ? -3.164  -11.694 -1.717  1.00 1.47 ? 12 A  A "H5'"  1 
ATOM   280 H "H5''" . A  A 1 9  ? -4.002  -10.201 -1.580  1.00 1.42 ? 12 A  A "H5''" 1 
ATOM   281 H "H4'"  . A  A 1 9  ? -4.156  -12.256 -3.703  1.00 1.22 ? 12 A  A "H4'"  1 
ATOM   282 H "H3'"  . A  A 1 9  ? -4.303  -9.325  -3.357  1.00 1.03 ? 12 A  A "H3'"  1 
ATOM   283 H "H2'"  . A  A 1 9  ? -6.087  -8.883  -4.721  1.00 1.06 ? 12 A  A "H2'"  1 
ATOM   284 H "HO2'" . A  A 1 9  ? -5.164  -10.265 -6.491  1.00 1.47 ? 12 A  A "HO2'" 1 
ATOM   285 H "H1'"  . A  A 1 9  ? -7.617  -11.104 -4.335  1.00 1.18 ? 12 A  A "H1'"  1 
ATOM   286 H H8     . A  A 1 9  ? -6.740  -10.421 -0.877  1.00 1.06 ? 12 A  A H8     1 
ATOM   287 H H61    . A  A 1 9  ? -10.502 -5.555  -0.901  1.00 0.91 ? 12 A  A H61    1 
ATOM   288 H H62    . A  A 1 9  ? -9.614  -6.685  0.098   1.00 0.92 ? 12 A  A H62    1 
ATOM   289 H H2     . A  A 1 9  ? -9.743  -6.736  -5.176  1.00 1.03 ? 12 A  A H2     1 
ATOM   290 P P      . C  A 1 10 ? -2.481  -8.956  -5.022  1.00 1.21 ? 13 C  A P      1 
ATOM   291 O OP1    . C  A 1 10 ? -1.219  -9.325  -5.575  1.00 1.86 ? 13 C  A OP1    1 
ATOM   292 O OP2    . C  A 1 10 ? -2.465  -8.320  -3.716  1.00 1.96 ? 13 C  A OP2    1 
ATOM   293 O "O5'"  . C  A 1 10 ? -3.298  -8.053  -6.043  1.00 1.13 ? 13 C  A "O5'"  1 
ATOM   294 C "C5'"  . C  A 1 10 ? -2.982  -6.690  -6.199  1.00 1.07 ? 13 C  A "C5'"  1 
ATOM   295 C "C4'"  . C  A 1 10 ? -4.024  -6.042  -7.070  1.00 1.08 ? 13 C  A "C4'"  1 
ATOM   296 O "O4'"  . C  A 1 10 ? -5.312  -6.510  -6.672  1.00 1.07 ? 13 C  A "O4'"  1 
ATOM   297 C "C3'"  . C  A 1 10 ? -4.077  -4.514  -6.901  1.00 1.05 ? 13 C  A "C3'"  1 
ATOM   298 O "O3'"  . C  A 1 10 ? -3.264  -3.804  -7.819  1.00 1.11 ? 13 C  A "O3'"  1 
ATOM   299 C "C2'"  . C  A 1 10 ? -5.548  -4.207  -7.109  1.00 1.04 ? 13 C  A "C2'"  1 
ATOM   300 O "O2'"  . C  A 1 10 ? -5.919  -4.049  -8.477  1.00 1.12 ? 13 C  A "O2'"  1 
ATOM   301 C "C1'"  . C  A 1 10 ? -6.231  -5.411  -6.553  1.00 1.03 ? 13 C  A "C1'"  1 
ATOM   302 N N1     . C  A 1 10 ? -6.607  -5.124  -5.157  1.00 0.95 ? 13 C  A N1     1 
ATOM   303 C C2     . C  A 1 10 ? -7.394  -4.003  -4.959  1.00 0.92 ? 13 C  A C2     1 
ATOM   304 O O2     . C  A 1 10 ? -7.653  -3.262  -5.911  1.00 0.96 ? 13 C  A O2     1 
ATOM   305 N N3     . C  A 1 10 ? -7.841  -3.736  -3.700  1.00 0.86 ? 13 C  A N3     1 
ATOM   306 C C4     . C  A 1 10 ? -7.523  -4.535  -2.679  1.00 0.83 ? 13 C  A C4     1 
ATOM   307 N N4     . C  A 1 10 ? -8.014  -4.277  -1.473  1.00 0.79 ? 13 C  A N4     1 
ATOM   308 C C5     . C  A 1 10 ? -6.698  -5.686  -2.874  1.00 0.87 ? 13 C  A C5     1 
ATOM   309 C C6     . C  A 1 10 ? -6.261  -5.942  -4.122  1.00 0.92 ? 13 C  A C6     1 
ATOM   310 H "H5'"  . C  A 1 10 ? -2.008  -6.535  -6.577  1.00 1.44 ? 13 C  A "H5'"  1 
ATOM   311 H "H5''" . C  A 1 10 ? -3.000  -6.259  -5.248  1.00 1.30 ? 13 C  A "H5''" 1 
ATOM   312 H "H4'"  . C  A 1 10 ? -3.847  -6.300  -8.103  1.00 1.16 ? 13 C  A "H4'"  1 
ATOM   313 H "H3'"  . C  A 1 10 ? -3.814  -4.243  -5.883  1.00 1.00 ? 13 C  A "H3'"  1 
ATOM   314 H "H2'"  . C  A 1 10 ? -5.839  -3.305  -6.539  1.00 0.99 ? 13 C  A "H2'"  1 
ATOM   315 H "HO2'" . C  A 1 10 ? -5.415  -3.322  -8.822  1.00 1.30 ? 13 C  A "HO2'" 1 
ATOM   316 H "H1'"  . C  A 1 10 ? -7.123  -5.635  -7.118  1.00 1.08 ? 13 C  A "H1'"  1 
ATOM   317 H H41    . C  A 1 10 ? -8.607  -3.466  -1.330  1.00 0.78 ? 13 C  A H41    1 
ATOM   318 H H42    . C  A 1 10 ? -7.803  -4.890  -0.702  1.00 0.78 ? 13 C  A H42    1 
ATOM   319 H H5     . C  A 1 10 ? -6.432  -6.336  -2.042  1.00 0.85 ? 13 C  A H5     1 
ATOM   320 H H6     . C  A 1 10 ? -5.610  -6.790  -4.295  1.00 0.96 ? 13 C  A H6     1 
ATOM   321 P P      . U  A 1 11 ? -2.370  -4.522  -8.913  1.00 1.68 ? 14 U  A P      1 
ATOM   322 O OP1    . U  A 1 11 ? -2.915  -5.799  -9.348  1.00 2.50 ? 14 U  A OP1    1 
ATOM   323 O OP2    . U  A 1 11 ? -1.061  -4.392  -8.303  1.00 2.35 ? 14 U  A OP2    1 
ATOM   324 O "O5'"  . U  A 1 11 ? -2.331  -3.482  -10.160 1.00 1.83 ? 14 U  A "O5'"  1 
ATOM   325 C "C5'"  . U  A 1 11 ? -1.562  -2.270  -10.134 1.00 1.88 ? 14 U  A "C5'"  1 
ATOM   326 C "C4'"  . U  A 1 11 ? -2.364  -1.128  -10.750 1.00 1.88 ? 14 U  A "C4'"  1 
ATOM   327 O "O4'"  . U  A 1 11 ? -2.938  -1.528  -11.980 1.00 2.22 ? 14 U  A "O4'"  1 
ATOM   328 C "C3'"  . U  A 1 11 ? -3.545  -0.749  -9.863  1.00 1.59 ? 14 U  A "C3'"  1 
ATOM   329 O "O3'"  . U  A 1 11 ? -3.881  0.596   -10.074 1.00 1.54 ? 14 U  A "O3'"  1 
ATOM   330 C "C2'"  . U  A 1 11 ? -4.695  -1.495  -10.373 1.00 1.85 ? 14 U  A "C2'"  1 
ATOM   331 O "O2'"  . U  A 1 11 ? -5.931  -0.778  -10.177 1.00 1.95 ? 14 U  A "O2'"  1 
ATOM   332 C "C1'"  . U  A 1 11 ? -4.356  -1.627  -11.815 1.00 2.22 ? 14 U  A "C1'"  1 
ATOM   333 N N1     . U  A 1 11 ? -4.867  -2.844  -12.246 1.00 2.60 ? 14 U  A N1     1 
ATOM   334 C C2     . U  A 1 11 ? -5.863  -2.728  -13.151 1.00 3.07 ? 14 U  A C2     1 
ATOM   335 O O2     . U  A 1 11 ? -6.249  -1.627  -13.535 1.00 3.13 ? 14 U  A O2     1 
ATOM   336 N N3     . U  A 1 11 ? -6.450  -3.886  -13.540 1.00 3.49 ? 14 U  A N3     1 
ATOM   337 C C4     . U  A 1 11 ? -6.104  -5.149  -13.087 1.00 3.46 ? 14 U  A C4     1 
ATOM   338 O O4     . U  A 1 11 ? -6.681  -6.135  -13.522 1.00 3.88 ? 14 U  A O4     1 
ATOM   339 C C5     . U  A 1 11 ? -5.018  -5.161  -12.111 1.00 2.95 ? 14 U  A C5     1 
ATOM   340 C C6     . U  A 1 11 ? -4.447  -4.016  -11.724 1.00 2.57 ? 14 U  A C6     1 
ATOM   341 H "H5'"  . U  A 1 11 ? -0.675  -2.426  -10.698 1.00 2.19 ? 14 U  A "H5'"  1 
ATOM   342 H "H5''" . U  A 1 11 ? -1.298  -2.017  -9.160  1.00 2.07 ? 14 U  A "H5''" 1 
ATOM   343 H "H4'"  . U  A 1 11 ? -1.701  -0.261  -10.918 1.00 1.98 ? 14 U  A "H4'"  1 
ATOM   344 H "H3'"  . U  A 1 11 ? -3.353  -0.992  -8.813  1.00 1.46 ? 14 U  A "H3'"  1 
ATOM   345 H "H2'"  . U  A 1 11 ? -4.749  -2.481  -9.901  1.00 1.87 ? 14 U  A "H2'"  1 
ATOM   346 H "HO2'" . U  A 1 11 ? -5.886  -0.348  -9.312  1.00 2.07 ? 14 U  A "HO2'" 1 
ATOM   347 H "H1'"  . U  A 1 11 ? -4.829  -0.840  -12.391 1.00 2.31 ? 14 U  A "H1'"  1 
ATOM   348 H H3     . U  A 1 11 ? -7.211  -3.811  -14.210 1.00 3.87 ? 14 U  A H3     1 
ATOM   349 H H5     . U  A 1 11 ? -4.645  -6.103  -11.720 1.00 2.92 ? 14 U  A H5     1 
ATOM   350 H H6     . U  A 1 11 ? -3.699  -4.019  -10.931 1.00 2.26 ? 14 U  A H6     1 
ATOM   351 P P      . C  A 1 12 ? -2.952  1.755   -9.656  1.00 1.91 ? 15 C  A P      1 
ATOM   352 O OP1    . C  A 1 12 ? -3.414  2.980   -10.248 1.00 2.62 ? 15 C  A OP1    1 
ATOM   353 O OP2    . C  A 1 12 ? -1.601  1.376   -9.834  1.00 2.78 ? 15 C  A OP2    1 
ATOM   354 O "O5'"  . C  A 1 12 ? -3.379  1.760   -8.152  1.00 1.52 ? 15 C  A "O5'"  1 
ATOM   355 C "C5'"  . C  A 1 12 ? -4.391  2.700   -7.825  1.00 1.10 ? 15 C  A "C5'"  1 
ATOM   356 C "C4'"  . C  A 1 12 ? -4.997  2.407   -6.505  1.00 1.02 ? 15 C  A "C4'"  1 
ATOM   357 O "O4'"  . C  A 1 12 ? -5.264  1.034   -6.239  1.00 0.99 ? 15 C  A "O4'"  1 
ATOM   358 C "C3'"  . C  A 1 12 ? -4.206  2.971   -5.410  1.00 0.96 ? 15 C  A "C3'"  1 
ATOM   359 O "O3'"  . C  A 1 12 ? -4.935  4.150   -5.198  1.00 1.00 ? 15 C  A "O3'"  1 
ATOM   360 C "C2'"  . C  A 1 12 ? -4.410  2.055   -4.249  1.00 0.90 ? 15 C  A "C2'"  1 
ATOM   361 O "O2'"  . C  A 1 12 ? -5.312  2.690   -3.340  1.00 0.90 ? 15 C  A "O2'"  1 
ATOM   362 C "C1'"  . C  A 1 12 ? -5.003  0.799   -4.845  1.00 0.91 ? 15 C  A "C1'"  1 
ATOM   363 N N1     . C  A 1 12 ? -4.034  -0.261  -4.708  1.00 0.90 ? 15 C  A N1     1 
ATOM   364 C C2     . C  A 1 12 ? -3.789  -0.699  -3.428  1.00 0.84 ? 15 C  A C2     1 
ATOM   365 O O2     . C  A 1 12 ? -4.404  -0.203  -2.483  1.00 0.81 ? 15 C  A O2     1 
ATOM   366 N N3     . C  A 1 12 ? -2.832  -1.641  -3.245  1.00 0.85 ? 15 C  A N3     1 
ATOM   367 C C4     . C  A 1 12 ? -2.147  -2.125  -4.288  1.00 0.90 ? 15 C  A C4     1 
ATOM   368 N N4     . C  A 1 12 ? -1.244  -3.077  -4.085  1.00 0.92 ? 15 C  A N4     1 
ATOM   369 C C5     . C  A 1 12 ? -2.398  -1.663  -5.620  1.00 0.96 ? 15 C  A C5     1 
ATOM   370 C C6     . C  A 1 12 ? -3.350  -0.735  -5.784  1.00 0.95 ? 15 C  A C6     1 
ATOM   371 H "H5'"  . C  A 1 12 ? -5.169  2.773   -8.581  1.00 1.58 ? 15 C  A "H5'"  1 
ATOM   372 H "H5''" . C  A 1 12 ? -3.950  3.641   -7.789  1.00 1.31 ? 15 C  A "H5''" 1 
ATOM   373 H "H4'"  . C  A 1 12 ? -5.946  2.942   -6.463  1.00 1.05 ? 15 C  A "H4'"  1 
ATOM   374 H "H3'"  . C  A 1 12 ? -3.116  3.117   -5.663  1.00 0.97 ? 15 C  A "H3'"  1 
ATOM   375 H "H2'"  . C  A 1 12 ? -3.474  1.809   -3.751  1.00 0.88 ? 15 C  A "H2'"  1 
ATOM   376 H "HO2'" . C  A 1 12 ? -6.041  2.092   -3.213  1.00 0.90 ? 15 C  A "HO2'" 1 
ATOM   377 H "H1'"  . C  A 1 12 ? -5.921  0.525   -4.329  1.00 0.89 ? 15 C  A "H1'"  1 
ATOM   378 H H41    . C  A 1 12 ? -1.073  -3.420  -3.152  1.00 0.90 ? 15 C  A H41    1 
ATOM   379 H H42    . C  A 1 12 ? -0.741  -3.467  -4.868  1.00 0.97 ? 15 C  A H42    1 
ATOM   380 H H5     . C  A 1 12 ? -1.829  -2.041  -6.468  1.00 1.01 ? 15 C  A H5     1 
ATOM   381 H H6     . C  A 1 12 ? -3.562  -0.343  -6.779  1.00 1.01 ? 15 C  A H6     1 
ATOM   382 P P      . C  A 1 13 ? -4.279  5.538   -5.010  1.00 1.40 ? 16 C  A P      1 
ATOM   383 O OP1    . C  A 1 13 ? -5.234  6.571   -5.420  1.00 2.27 ? 16 C  A OP1    1 
ATOM   384 O OP2    . C  A 1 13 ? -2.980  5.516   -5.625  1.00 2.16 ? 16 C  A OP2    1 
ATOM   385 O "O5'"  . C  A 1 13 ? -4.098  5.469   -3.432  1.00 1.35 ? 16 C  A "O5'"  1 
ATOM   386 C "C5'"  . C  A 1 13 ? -3.838  6.619   -2.788  1.00 1.05 ? 16 C  A "C5'"  1 
ATOM   387 C "C4'"  . C  A 1 13 ? -3.712  6.372   -1.340  1.00 0.93 ? 16 C  A "C4'"  1 
ATOM   388 O "O4'"  . C  A 1 13 ? -3.756  4.990   -0.995  1.00 0.85 ? 16 C  A "O4'"  1 
ATOM   389 C "C3'"  . C  A 1 13 ? -2.333  6.827   -1.017  1.00 0.93 ? 16 C  A "C3'"  1 
ATOM   390 O "O3'"  . C  A 1 13 ? -2.319  8.152   -0.559  1.00 1.00 ? 16 C  A "O3'"  1 
ATOM   391 C "C2'"  . C  A 1 13 ? -1.828  5.900   0.031   1.00 0.86 ? 16 C  A "C2'"  1 
ATOM   392 O "O2'"  . C  A 1 13 ? -2.115  6.481   1.282   1.00 0.98 ? 16 C  A "O2'"  1 
ATOM   393 C "C1'"  . C  A 1 13 ? -2.592  4.620   -0.190  1.00 0.79 ? 16 C  A "C1'"  1 
ATOM   394 N N1     . C  A 1 13 ? -1.815  3.617   -0.926  1.00 0.78 ? 16 C  A N1     1 
ATOM   395 C C2     . C  A 1 13 ? -1.089  2.705   -0.194  1.00 0.73 ? 16 C  A C2     1 
ATOM   396 O O2     . C  A 1 13 ? -1.100  2.757   1.036   1.00 0.69 ? 16 C  A O2     1 
ATOM   397 N N3     . C  A 1 13 ? -0.368  1.770   -0.871  1.00 0.75 ? 16 C  A N3     1 
ATOM   398 C C4     . C  A 1 13 ? -0.364  1.737   -2.210  1.00 0.82 ? 16 C  A C4     1 
ATOM   399 N N4     . C  A 1 13 ? 0.343   0.800   -2.840  1.00 0.87 ? 16 C  A N4     1 
ATOM   400 C C5     . C  A 1 13 ? -1.121  2.680   -2.971  1.00 0.86 ? 16 C  A C5     1 
ATOM   401 C C6     . C  A 1 13 ? -1.831  3.599   -2.293  1.00 0.84 ? 16 C  A C6     1 
ATOM   402 H "H5'"  . C  A 1 13 ? -4.727  7.170   -3.087  1.00 1.45 ? 16 C  A "H5'"  1 
ATOM   403 H "H5''" . C  A 1 13 ? -2.719  7.169   -3.119  1.00 1.53 ? 16 C  A "H5''" 1 
ATOM   404 H "H4'"  . C  A 1 13 ? -4.423  6.987   -0.799  1.00 0.93 ? 16 C  A "H4'"  1 
ATOM   405 H "H3'"  . C  A 1 13 ? -1.664  6.727   -1.863  1.00 1.00 ? 16 C  A "H3'"  1 
ATOM   406 H "H2'"  . C  A 1 13 ? -0.751  5.733   -0.086  1.00 0.86 ? 16 C  A "H2'"  1 
ATOM   407 H "HO2'" . C  A 1 13 ? -1.570  6.032   1.966   1.00 0.73 ? 16 C  A "HO2'" 1 
ATOM   408 H "H1'"  . C  A 1 13 ? -2.908  4.197   0.780   1.00 0.75 ? 16 C  A "H1'"  1 
ATOM   409 H H41    . C  A 1 13 ? 0.878   0.122   -2.307  1.00 0.85 ? 16 C  A H41    1 
ATOM   410 H H42    . C  A 1 13 ? 0.340   0.759   -3.849  1.00 0.93 ? 16 C  A H42    1 
ATOM   411 H H5     . C  A 1 13 ? -1.114  2.660   -4.061  1.00 0.93 ? 16 C  A H5     1 
ATOM   412 H H6     . C  A 1 13 ? -2.422  4.340   -2.840  1.00 0.88 ? 16 C  A H6     1 
ATOM   413 P P      . G  A 1 14 ? -1.060  9.058   -0.903  1.00 1.04 ? 17 G  A P      1 
ATOM   414 O OP1    . G  A 1 14 ? -1.409  10.425  -0.616  1.00 1.57 ? 17 G  A OP1    1 
ATOM   415 O OP2    . G  A 1 14 ? -0.590  8.782   -2.236  1.00 1.80 ? 17 G  A OP2    1 
ATOM   416 O "O5'"  . G  A 1 14 ? 0.022   8.584   0.186   1.00 1.00 ? 17 G  A "O5'"  1 
ATOM   417 C "C5'"  . G  A 1 14 ? 0.266   9.457   1.301   1.00 0.89 ? 17 G  A "C5'"  1 
ATOM   418 C "C4'"  . G  A 1 14 ? 1.144   8.815   2.364   1.00 0.81 ? 17 G  A "C4'"  1 
ATOM   419 O "O4'"  . G  A 1 14 ? 0.954   7.381   2.426   1.00 0.76 ? 17 G  A "O4'"  1 
ATOM   420 C "C3'"  . G  A 1 14 ? 2.609   9.060   2.063   1.00 0.84 ? 17 G  A "C3'"  1 
ATOM   421 O "O3'"  . G  A 1 14 ? 3.133   10.139  2.838   1.00 0.98 ? 17 G  A "O3'"  1 
ATOM   422 C "C2'"  . G  A 1 14 ? 3.313   7.758   2.357   1.00 0.82 ? 17 G  A "C2'"  1 
ATOM   423 O "O2'"  . G  A 1 14 ? 3.935   7.791   3.647   1.00 0.92 ? 17 G  A "O2'"  1 
ATOM   424 C "C1'"  . G  A 1 14 ? 2.223   6.703   2.307   1.00 0.75 ? 17 G  A "C1'"  1 
ATOM   425 N N9     . G  A 1 14 ? 2.284   5.969   1.039   1.00 0.72 ? 17 G  A N9     1 
ATOM   426 C C8     . G  A 1 14 ? 1.685   6.243   -0.146  1.00 0.76 ? 17 G  A C8     1 
ATOM   427 N N7     . G  A 1 14 ? 1.904   5.435   -1.125  1.00 0.75 ? 17 G  A N7     1 
ATOM   428 C C5     . G  A 1 14 ? 2.756   4.499   -0.532  1.00 0.70 ? 17 G  A C5     1 
ATOM   429 C C6     . G  A 1 14 ? 3.360   3.347   -1.089  1.00 0.69 ? 17 G  A C6     1 
ATOM   430 O O6     . G  A 1 14 ? 3.255   2.921   -2.238  1.00 0.72 ? 17 G  A O6     1 
ATOM   431 N N1     . G  A 1 14 ? 4.148   2.680   -0.153  1.00 0.65 ? 17 G  A N1     1 
ATOM   432 C C2     . G  A 1 14 ? 4.331   3.074   1.158   1.00 0.63 ? 17 G  A C2     1 
ATOM   433 N N2     . G  A 1 14 ? 5.130   2.304   1.906   1.00 0.61 ? 17 G  A N2     1 
ATOM   434 N N3     . G  A 1 14 ? 3.763   4.159   1.688   1.00 0.65 ? 17 G  A N3     1 
ATOM   435 C C4     . G  A 1 14 ? 2.993   4.823   0.794   1.00 0.68 ? 17 G  A C4     1 
ATOM   436 H "H5'"  . G  A 1 14 ? -0.656  9.737   1.763   1.00 1.31 ? 17 G  A "H5'"  1 
ATOM   437 H "H5''" . G  A 1 14 ? 0.726   10.356  0.921   1.00 1.29 ? 17 G  A "H5''" 1 
ATOM   438 H "H4'"  . G  A 1 14 ? 0.903   9.243   3.324   1.00 0.86 ? 17 G  A "H4'"  1 
ATOM   439 H "H3'"  . G  A 1 14 ? 2.732   9.287   0.995   1.00 0.85 ? 17 G  A "H3'"  1 
ATOM   440 H "H2'"  . G  A 1 14 ? 4.065   7.553   1.584   1.00 0.81 ? 17 G  A "H2'"  1 
ATOM   441 H "HO2'" . G  A 1 14 ? 4.706   8.377   3.591   1.00 1.30 ? 17 G  A "HO2'" 1 
ATOM   442 H "H1'"  . G  A 1 14 ? 2.350   6.001   3.137   1.00 0.76 ? 17 G  A "H1'"  1 
ATOM   443 H H8     . G  A 1 14 ? 1.043   7.116   -0.268  1.00 0.81 ? 17 G  A H8     1 
ATOM   444 H H1     . G  A 1 14 ? 4.620   1.839   -0.480  1.00 0.65 ? 17 G  A H1     1 
ATOM   445 H H21    . G  A 1 14 ? 5.305   2.541   2.872   1.00 0.61 ? 17 G  A H21    1 
ATOM   446 H H22    . G  A 1 14 ? 5.560   1.482   1.503   1.00 0.62 ? 17 G  A H22    1 
ATOM   447 P P      . G  A 1 15 ? 4.478   10.796  2.291   1.00 1.07 ? 18 G  A P      1 
ATOM   448 O OP1    . G  A 1 15 ? 4.907   11.833  3.202   1.00 1.50 ? 18 G  A OP1    1 
ATOM   449 O OP2    . G  A 1 15 ? 4.331   11.151  0.889   1.00 1.86 ? 18 G  A OP2    1 
ATOM   450 O "O5'"  . G  A 1 15 ? 5.448   9.540   2.395   1.00 0.96 ? 18 G  A "O5'"  1 
ATOM   451 C "C5'"  . G  A 1 15 ? 6.718   9.596   1.800   1.00 0.97 ? 18 G  A "C5'"  1 
ATOM   452 C "C4'"  . G  A 1 15 ? 7.486   8.332   2.053   1.00 0.88 ? 18 G  A "C4'"  1 
ATOM   453 O "O4'"  . G  A 1 15 ? 6.714   7.164   1.738   1.00 0.84 ? 18 G  A "O4'"  1 
ATOM   454 C "C3'"  . G  A 1 15 ? 8.719   8.311   1.209   1.00 0.91 ? 18 G  A "C3'"  1 
ATOM   455 O "O3'"  . G  A 1 15 ? 9.835   8.624   2.036   1.00 1.03 ? 18 G  A "O3'"  1 
ATOM   456 C "C2'"  . G  A 1 15 ? 8.814   6.922   0.635   1.00 0.84 ? 18 G  A "C2'"  1 
ATOM   457 O "O2'"  . G  A 1 15 ? 9.897   6.215   1.246   1.00 0.80 ? 18 G  A "O2'"  1 
ATOM   458 C "C1'"  . G  A 1 15 ? 7.492   6.254   0.944   1.00 0.81 ? 18 G  A "C1'"  1 
ATOM   459 N N9     . G  A 1 15 ? 6.793   5.918   -0.293  1.00 0.82 ? 18 G  A N9     1 
ATOM   460 C C8     . G  A 1 15 ? 5.704   6.488   -0.860  1.00 0.85 ? 18 G  A C8     1 
ATOM   461 N N7     . G  A 1 15 ? 5.280   5.986   -1.970  1.00 0.87 ? 18 G  A N7     1 
ATOM   462 C C5     . G  A 1 15 ? 6.195   4.949   -2.179  1.00 0.86 ? 18 G  A C5     1 
ATOM   463 C C6     . G  A 1 15 ? 6.275   4.014   -3.236  1.00 0.89 ? 18 G  A C6     1 
ATOM   464 O O6     . G  A 1 15 ? 5.534   3.915   -4.209  1.00 0.93 ? 18 G  A O6     1 
ATOM   465 N N1     . G  A 1 15 ? 7.346   3.139   -3.065  1.00 0.89 ? 18 G  A N1     1 
ATOM   466 C C2     . G  A 1 15 ? 8.232   3.163   -2.004  1.00 0.86 ? 18 G  A C2     1 
ATOM   467 N N2     . G  A 1 15 ? 9.199   2.238   -2.011  1.00 0.88 ? 18 G  A N2     1 
ATOM   468 N N3     . G  A 1 15 ? 8.160   4.045   -1.006  1.00 0.83 ? 18 G  A N3     1 
ATOM   469 C C4     . G  A 1 15 ? 7.125   4.904   -1.155  1.00 0.83 ? 18 G  A C4     1 
ATOM   470 H "H5'"  . G  A 1 15 ? 7.292   10.424  2.187   1.00 1.08 ? 18 G  A "H5'"  1 
ATOM   471 H "H5''" . G  A 1 15 ? 6.562   9.734   0.723   1.00 1.03 ? 18 G  A "H5''" 1 
ATOM   472 H "H4'"  . G  A 1 15 ? 7.774   8.289   3.109   1.00 0.91 ? 18 G  A "H4'"  1 
ATOM   473 H "H3'"  . G  A 1 15 ? 8.633   9.035   0.382   1.00 1.04 ? 18 G  A "H3'"  1 
ATOM   474 H "H2'"  . G  A 1 15 ? 8.955   6.971   -0.458  1.00 0.92 ? 18 G  A "H2'"  1 
ATOM   475 H "HO2'" . G  A 1 15 ? 10.519  5.979   0.546   1.00 1.17 ? 18 G  A "HO2'" 1 
ATOM   476 H "H1'"  . G  A 1 15 ? 7.665   5.339   1.513   1.00 0.81 ? 18 G  A "H1'"  1 
ATOM   477 H H8     . G  A 1 15 ? 5.211   7.343   -0.402  1.00 0.86 ? 18 G  A H8     1 
ATOM   478 H H1     . G  A 1 15 ? 7.464   2.429   -3.787  1.00 0.93 ? 18 G  A H1     1 
ATOM   479 H H21    . G  A 1 15 ? 9.876   2.208   -1.261  1.00 0.88 ? 18 G  A H21    1 
ATOM   480 H H22    . G  A 1 15 ? 9.251   1.566   -2.766  1.00 0.92 ? 18 G  A H22    1 
ATOM   481 P P      . A  A 1 16 ? 11.147  9.166   1.360   1.00 1.56 ? 19 A  A P      1 
ATOM   482 O OP1    . A  A 1 16 ? 12.132  9.405   2.383   1.00 2.34 ? 19 A  A OP1    1 
ATOM   483 O OP2    . A  A 1 16 ? 10.799  10.278  0.523   1.00 2.17 ? 19 A  A OP2    1 
ATOM   484 O "O5'"  . A  A 1 16 ? 11.624  7.915   0.502   1.00 1.44 ? 19 A  A "O5'"  1 
ATOM   485 C "C5'"  . A  A 1 16 ? 12.543  7.030   1.133   1.00 1.01 ? 19 A  A "C5'"  1 
ATOM   486 C "C4'"  . A  A 1 16 ? 12.949  5.898   0.238   1.00 0.93 ? 19 A  A "C4'"  1 
ATOM   487 O "O4'"  . A  A 1 16 ? 11.895  5.321   -0.531  1.00 0.90 ? 19 A  A "O4'"  1 
ATOM   488 C "C3'"  . A  A 1 16 ? 13.933  6.409   -0.709  1.00 1.04 ? 19 A  A "C3'"  1 
ATOM   489 O "O3'"  . A  A 1 16 ? 15.122  6.067   -0.229  1.00 1.14 ? 19 A  A "O3'"  1 
ATOM   490 C "C2'"  . A  A 1 16 ? 13.675  5.804   -2.054  1.00 1.04 ? 19 A  A "C2'"  1 
ATOM   491 O "O2'"  . A  A 1 16 ? 14.768  4.978   -2.525  1.00 1.13 ? 19 A  A "O2'"  1 
ATOM   492 C "C1'"  . A  A 1 16 ? 12.405  5.017   -1.856  1.00 0.94 ? 19 A  A "C1'"  1 
ATOM   493 N N9     . A  A 1 16 ? 11.410  5.377   -2.847  1.00 0.94 ? 19 A  A N9     1 
ATOM   494 C C8     . A  A 1 16 ? 10.507  6.382   -2.840  1.00 0.96 ? 19 A  A C8     1 
ATOM   495 N N7     . A  A 1 16 ? 9.708   6.464   -3.846  1.00 0.98 ? 19 A  A N7     1 
ATOM   496 C C5     . A  A 1 16 ? 10.130  5.378   -4.620  1.00 0.98 ? 19 A  A C5     1 
ATOM   497 C C6     . A  A 1 16 ? 9.707   4.868   -5.843  1.00 1.01 ? 19 A  A C6     1 
ATOM   498 N N6     . A  A 1 16 ? 8.709   5.397   -6.548  1.00 1.04 ? 19 A  A N6     1 
ATOM   499 N N1     . A  A 1 16 ? 10.348  3.786   -6.313  1.00 1.03 ? 19 A  A N1     1 
ATOM   500 C C2     . A  A 1 16 ? 11.346  3.231   -5.626  1.00 1.01 ? 19 A  A C2     1 
ATOM   501 N N3     . A  A 1 16 ? 11.824  3.630   -4.461  1.00 0.98 ? 19 A  A N3     1 
ATOM   502 C C4     . A  A 1 16 ? 11.166  4.717   -4.012  1.00 0.96 ? 19 A  A C4     1 
ATOM   503 H "H5'"  . A  A 1 16 ? 12.135  6.645   2.022   1.00 1.50 ? 19 A  A "H5'"  1 
ATOM   504 H "H5''" . A  A 1 16 ? 13.408  7.570   1.422   1.00 1.34 ? 19 A  A "H5''" 1 
ATOM   505 H "H4'"  . A  A 1 16 ? 13.411  5.130   0.846   1.00 0.93 ? 19 A  A "H4'"  1 
ATOM   506 H "H3'"  . A  A 1 16 ? 13.873  7.514   -0.768  1.00 1.14 ? 19 A  A "H3'"  1 
ATOM   507 H "H2'"  . A  A 1 16 ? 13.506  6.603   -2.763  1.00 1.11 ? 19 A  A "H2'"  1 
ATOM   508 H "HO2'" . A  A 1 16 ? 14.971  4.326   -1.848  1.00 1.33 ? 19 A  A "HO2'" 1 
ATOM   509 H "H1'"  . A  A 1 16 ? 12.629  3.947   -1.935  1.00 0.96 ? 19 A  A "H1'"  1 
ATOM   510 H H8     . A  A 1 16 ? 10.459  7.094   -2.014  1.00 0.97 ? 19 A  A H8     1 
ATOM   511 H H61    . A  A 1 16 ? 8.440   4.980   -7.437  1.00 1.08 ? 19 A  A H61    1 
ATOM   512 H H62    . A  A 1 16 ? 8.219   6.207   -6.200  1.00 1.04 ? 19 A  A H62    1 
ATOM   513 H H2     . A  A 1 16 ? 11.819  2.356   -6.070  1.00 1.04 ? 19 A  A H2     1 
ATOM   514 P P      . G  A 1 17 ? 16.279  6.885   -0.774  1.00 1.59 ? 20 G  A P      1 
ATOM   515 O OP1    . G  A 1 17 ? 17.089  7.369   0.304   1.00 2.30 ? 20 G  A OP1    1 
ATOM   516 O OP2    . G  A 1 17 ? 15.907  7.760   -1.849  1.00 2.34 ? 20 G  A OP2    1 
ATOM   517 O "O5'"  . G  A 1 17 ? 16.979  5.742   -1.377  1.00 1.70 ? 20 G  A "O5'"  1 
ATOM   518 C "C5'"  . G  A 1 17 ? 18.138  5.512   -0.756  1.00 1.84 ? 20 G  A "C5'"  1 
ATOM   519 C "C4'"  . G  A 1 17 ? 18.488  4.149   -1.004  1.00 2.05 ? 20 G  A "C4'"  1 
ATOM   520 O "O4'"  . G  A 1 17 ? 19.235  3.895   -2.150  1.00 2.85 ? 20 G  A "O4'"  1 
ATOM   521 C "C3'"  . G  A 1 17 ? 19.359  3.734   0.093   1.00 2.11 ? 20 G  A "C3'"  1 
ATOM   522 O "O3'"  . G  A 1 17 ? 19.504  2.456   -0.025  1.00 2.03 ? 20 G  A "O3'"  1 
ATOM   523 C "C2'"  . G  A 1 17 ? 20.728  4.055   -0.222  1.00 2.94 ? 20 G  A "C2'"  1 
ATOM   524 O "O2'"  . G  A 1 17 ? 21.630  3.014   0.299   1.00 3.38 ? 20 G  A "O2'"  1 
ATOM   525 C "C1'"  . G  A 1 17 ? 20.562  4.083   -1.733  1.00 3.29 ? 20 G  A "C1'"  1 
ATOM   526 N N9     . G  A 1 17 ? 20.793  5.313   -1.965  1.00 3.98 ? 20 G  A N9     1 
ATOM   527 C C8     . G  A 1 17 ? 20.049  6.325   -2.404  1.00 4.47 ? 20 G  A C8     1 
ATOM   528 N N7     . G  A 1 17 ? 20.686  7.426   -2.499  1.00 5.23 ? 20 G  A N7     1 
ATOM   529 C C5     . G  A 1 17 ? 21.967  6.991   -2.030  1.00 5.25 ? 20 G  A C5     1 
ATOM   530 C C6     . G  A 1 17 ? 23.179  7.626   -1.856  1.00 6.02 ? 20 G  A C6     1 
ATOM   531 O O6     . G  A 1 17 ? 23.503  8.750   -2.217  1.00 6.77 ? 20 G  A O6     1 
ATOM   532 N N1     . G  A 1 17 ? 24.153  6.719   -1.348  1.00 5.99 ? 20 G  A N1     1 
ATOM   533 C C2     . G  A 1 17 ? 23.957  5.406   -1.048  1.00 5.38 ? 20 G  A C2     1 
ATOM   534 N N2     . G  A 1 17 ? 25.025  4.753   -0.517  1.00 5.73 ? 20 G  A N2     1 
ATOM   535 N N3     . G  A 1 17 ? 22.837  4.840   -1.241  1.00 4.61 ? 20 G  A N3     1 
ATOM   536 C C4     . G  A 1 17 ? 21.917  5.694   -1.711  1.00 4.54 ? 20 G  A C4     1 
ATOM   537 H "H5'"  . G  A 1 17 ? 18.050  5.616   0.299   1.00 2.10 ? 20 G  A "H5'"  1 
ATOM   538 H "H5''" . G  A 1 17 ? 18.842  6.231   -1.069  1.00 2.39 ? 20 G  A "H5''" 1 
ATOM   539 H "H4'"  . G  A 1 17 ? 17.556  3.584   -1.052  1.00 2.09 ? 20 G  A "H4'"  1 
ATOM   540 H "H3'"  . G  A 1 17 ? 18.994  4.068   1.058   1.00 2.17 ? 20 G  A "H3'"  1 
ATOM   541 H "H2'"  . G  A 1 17 ? 21.030  5.051   0.143   1.00 3.34 ? 20 G  A "H2'"  1 
ATOM   542 H "HO2'" . G  A 1 17 ? 22.420  2.998   -0.260  1.00 3.75 ? 20 G  A "HO2'" 1 
ATOM   543 H "H1'"  . G  A 1 17 ? 21.285  3.483   -2.281  1.00 3.69 ? 20 G  A "H1'"  1 
ATOM   544 H H8     . G  A 1 17 ? 18.958  6.249   -2.500  1.00 4.39 ? 20 G  A H8     1 
ATOM   545 H H1     . G  A 1 17 ? 25.085  7.060   -1.238  1.00 6.59 ? 20 G  A H1     1 
ATOM   546 H H21    . G  A 1 17 ? 25.869  5.257   -0.400  1.00 6.00 ? 20 G  A H21    1 
ATOM   547 H H22    . G  A 1 17 ? 24.988  3.780   -0.187  1.00 5.93 ? 20 G  A H22    1 
ATOM   548 P P      . A  A 1 18 ? 19.218  1.663   1.113   1.00 1.68 ? 21 A  A P      1 
ATOM   549 O OP1    . A  A 1 18 ? 19.213  2.514   2.273   1.00 2.38 ? 21 A  A OP1    1 
ATOM   550 O OP2    . A  A 1 18 ? 20.055  0.527   1.059   1.00 2.23 ? 21 A  A OP2    1 
ATOM   551 O "O5'"  . A  A 1 18 ? 17.825  1.388   0.565   1.00 1.48 ? 21 A  A "O5'"  1 
ATOM   552 C "C5'"  . A  A 1 18 ? 16.909  1.222   1.482   1.00 1.34 ? 21 A  A "C5'"  1 
ATOM   553 C "C4'"  . A  A 1 18 ? 15.801  2.198   1.354   1.00 1.32 ? 21 A  A "C4'"  1 
ATOM   554 O "O4'"  . A  A 1 18 ? 15.099  2.051   0.132   1.00 1.27 ? 21 A  A "O4'"  1 
ATOM   555 C "C3'"  . A  A 1 18 ? 14.885  1.927   2.471   1.00 1.38 ? 21 A  A "C3'"  1 
ATOM   556 O "O3'"  . A  A 1 18 ? 15.059  2.942   3.431   1.00 1.52 ? 21 A  A "O3'"  1 
ATOM   557 C "C2'"  . A  A 1 18 ? 13.507  1.887   1.860   1.00 1.38 ? 21 A  A "C2'"  1 
ATOM   558 O "O2'"  . A  A 1 18 ? 12.823  3.136   2.010   1.00 1.48 ? 21 A  A "O2'"  1 
ATOM   559 C "C1'"  . A  A 1 18 ? 13.764  1.624   0.406   1.00 1.30 ? 21 A  A "C1'"  1 
ATOM   560 N N9     . A  A 1 18 ? 13.648  0.207   0.090   1.00 1.27 ? 21 A  A N9     1 
ATOM   561 C C8     . A  A 1 18 ? 13.821  -0.914  0.850   1.00 1.26 ? 21 A  A C8     1 
ATOM   562 N N7     . A  A 1 18 ? 13.681  -2.054  0.236   1.00 1.27 ? 21 A  A N7     1 
ATOM   563 C C5     . A  A 1 18 ? 13.381  -1.637  -1.078  1.00 1.31 ? 21 A  A C5     1 
ATOM   564 C C6     . A  A 1 18 ? 13.084  -2.322  -2.268  1.00 1.41 ? 21 A  A C6     1 
ATOM   565 N N6     . A  A 1 18 ? 13.004  -3.643  -2.330  1.00 1.48 ? 21 A  A N6     1 
ATOM   566 N N1     . A  A 1 18 ? 12.828  -1.590  -3.368  1.00 1.47 ? 21 A  A N1     1 
ATOM   567 C C2     . A  A 1 18 ? 12.846  -0.258  -3.285  1.00 1.41 ? 21 A  A C2     1 
ATOM   568 N N3     . A  A 1 18 ? 13.104  0.486   -2.211  1.00 1.32 ? 21 A  A N3     1 
ATOM   569 C C4     . A  A 1 18 ? 13.359  -0.270  -1.160  1.00 1.29 ? 21 A  A C4     1 
ATOM   570 H "H5'"  . A  A 1 18 ? 17.352  1.328   2.443   1.00 1.66 ? 21 A  A "H5'"  1 
ATOM   571 H "H5''" . A  A 1 18 ? 16.583  0.252   1.392   1.00 1.64 ? 21 A  A "H5''" 1 
ATOM   572 H "H4'"  . A  A 1 18 ? 16.186  3.229   1.445   1.00 1.37 ? 21 A  A "H4'"  1 
ATOM   573 H "H3'"  . A  A 1 18 ? 15.139  0.946   2.897   1.00 1.38 ? 21 A  A "H3'"  1 
ATOM   574 H "H2'"  . A  A 1 18 ? 12.922  1.074   2.286   1.00 1.42 ? 21 A  A "H2'"  1 
ATOM   575 H "HO2'" . A  A 1 18 ? 12.834  3.350   2.944   1.00 1.69 ? 21 A  A "HO2'" 1 
ATOM   576 H "H1'"  . A  A 1 18 ? 13.060  2.194   -0.210  1.00 1.34 ? 21 A  A "H1'"  1 
ATOM   577 H H8     . A  A 1 18 ? 14.042  -0.870  1.917   1.00 1.30 ? 21 A  A H8     1 
ATOM   578 H H61    . A  A 1 18 ? 12.765  -4.101  -3.183  1.00 1.87 ? 21 A  A H61    1 
ATOM   579 H H62    . A  A 1 18 ? 13.171  -4.163  -1.506  1.00 1.61 ? 21 A  A H62    1 
ATOM   580 H H2     . A  A 1 18 ? 12.614  0.284   -4.193  1.00 1.47 ? 21 A  A H2     1 
ATOM   581 P P      . A  A 1 19 ? 15.129  2.551   4.964   1.00 1.35 ? 22 A  A P      1 
ATOM   582 O OP1    . A  A 1 19 ? 15.914  3.512   5.679   1.00 2.23 ? 22 A  A OP1    1 
ATOM   583 O OP2    . A  A 1 19 ? 15.433  1.159   5.144   1.00 1.80 ? 22 A  A OP2    1 
ATOM   584 O "O5'"  . A  A 1 19 ? 13.662  2.733   5.359   1.00 1.26 ? 22 A  A "O5'"  1 
ATOM   585 C "C5'"  . A  A 1 19 ? 13.291  3.833   6.098   1.00 1.29 ? 22 A  A "C5'"  1 
ATOM   586 C "C4'"  . A  A 1 19 ? 11.845  4.029   5.808   1.00 1.21 ? 22 A  A "C4'"  1 
ATOM   587 O "O4'"  . A  A 1 19 ? 11.334  5.069   6.599   1.00 1.27 ? 22 A  A "O4'"  1 
ATOM   588 C "C3'"  . A  A 1 19 ? 11.704  4.454   4.346   1.00 1.14 ? 22 A  A "C3'"  1 
ATOM   589 O "O3'"  . A  A 1 19 ? 11.364  3.391   3.378   1.00 1.45 ? 22 A  A "O3'"  1 
ATOM   590 C "C2'"  . A  A 1 19 ? 10.688  5.536   4.354   1.00 1.19 ? 22 A  A "C2'"  1 
ATOM   591 O "O2'"  . A  A 1 19 ? 9.512   5.144   3.624   1.00 1.57 ? 22 A  A "O2'"  1 
ATOM   592 C "C1'"  . A  A 1 19 ? 10.420  5.805   5.805   1.00 1.20 ? 22 A  A "C1'"  1 
ATOM   593 N N9     . A  A 1 19 ? 10.553  7.191   6.059   1.00 1.16 ? 22 A  A N9     1 
ATOM   594 C C8     . A  A 1 19 ? 10.328  8.243   5.257   1.00 1.23 ? 22 A  A C8     1 
ATOM   595 N N7     . A  A 1 19 ? 10.429  9.416   5.806   1.00 1.37 ? 22 A  A N7     1 
ATOM   596 C C5     . A  A 1 19 ? 10.762  9.073   7.137   1.00 1.40 ? 22 A  A C5     1 
ATOM   597 C C6     . A  A 1 19 ? 11.037  9.813   8.292   1.00 1.65 ? 22 A  A C6     1 
ATOM   598 N N6     . A  A 1 19 ? 11.087  11.144  8.280   1.00 1.92 ? 22 A  A N6     1 
ATOM   599 N N1     . A  A 1 19 ? 11.337  9.144   9.423   1.00 1.68 ? 22 A  A N1     1 
ATOM   600 C C2     . A  A 1 19 ? 11.378  7.811   9.396   1.00 1.47 ? 22 A  A C2     1 
ATOM   601 N N3     . A  A 1 19 ? 11.139  7.012   8.358   1.00 1.26 ? 22 A  A N3     1 
ATOM   602 C C4     . A  A 1 19 ? 10.845  7.717   7.281   1.00 1.24 ? 22 A  A C4     1 
ATOM   603 H "H5'"  . A  A 1 19 ? 13.829  4.705   5.816   1.00 1.61 ? 22 A  A "H5'"  1 
ATOM   604 H "H5''" . A  A 1 19 ? 13.502  3.661   7.123   1.00 1.80 ? 22 A  A "H5''" 1 
ATOM   605 H "H4'"  . A  A 1 19 ? 11.297  3.108   6.002   1.00 1.43 ? 22 A  A "H4'"  1 
ATOM   606 H "H3'"  . A  A 1 19 ? 12.658  4.913   4.050   1.00 1.13 ? 22 A  A "H3'"  1 
ATOM   607 H "H2'"  . A  A 1 19 ? 11.105  6.455   3.937   1.00 1.21 ? 22 A  A "H2'"  1 
ATOM   608 H "HO2'" . A  A 1 19 ? 9.512   5.618   2.779   1.00 1.80 ? 22 A  A "HO2'" 1 
ATOM   609 H "H1'"  . A  A 1 19 ? 9.427   5.517   6.070   1.00 1.49 ? 22 A  A "H1'"  1 
ATOM   610 H H8     . A  A 1 19 ? 10.066  8.117   4.202   1.00 1.26 ? 22 A  A H8     1 
ATOM   611 H H61    . A  A 1 19 ? 11.301  11.659  9.106   1.00 2.15 ? 22 A  A H61    1 
ATOM   612 H H62    . A  A 1 19 ? 10.933  11.601  7.408   1.00 2.26 ? 22 A  A H62    1 
ATOM   613 H H2     . A  A 1 19 ? 11.638  7.321   10.327  1.00 1.54 ? 22 A  A H2     1 
ATOM   614 P P      . A  A 1 20 ? 10.144  2.292   3.540   1.00 1.41 ? 23 A  A P      1 
ATOM   615 O OP1    . A  A 1 20 ? 10.566  0.903   3.158   1.00 2.35 ? 23 A  A OP1    1 
ATOM   616 O OP2    . A  A 1 20 ? 8.937   2.930   3.030   1.00 2.11 ? 23 A  A OP2    1 
ATOM   617 O "O5'"  . A  A 1 20 ? 9.813   2.337   5.067   1.00 0.94 ? 23 A  A "O5'"  1 
ATOM   618 C "C5'"  . A  A 1 20 ? 8.654   1.644   5.583   1.00 0.82 ? 23 A  A "C5'"  1 
ATOM   619 C "C4'"  . A  A 1 20 ? 8.452   2.119   6.957   1.00 0.76 ? 23 A  A "C4'"  1 
ATOM   620 O "O4'"  . A  A 1 20 ? 8.539   3.521   6.958   1.00 0.78 ? 23 A  A "O4'"  1 
ATOM   621 C "C3'"  . A  A 1 20 ? 7.118   1.745   7.509   1.00 0.71 ? 23 A  A "C3'"  1 
ATOM   622 O "O3'"  . A  A 1 20 ? 7.216   0.542   8.263   1.00 0.71 ? 23 A  A "O3'"  1 
ATOM   623 C "C2'"  . A  A 1 20 ? 6.766   2.936   8.383   1.00 0.71 ? 23 A  A "C2'"  1 
ATOM   624 O "O2'"  . A  A 1 20 ? 6.997   2.643   9.754   1.00 0.72 ? 23 A  A "O2'"  1 
ATOM   625 C "C1'"  . A  A 1 20 ? 7.680   4.060   7.928   1.00 0.76 ? 23 A  A "C1'"  1 
ATOM   626 N N9     . A  A 1 20 ? 6.893   5.203   7.416   1.00 0.81 ? 23 A  A N9     1 
ATOM   627 C C8     . A  A 1 20 ? 6.558   5.594   6.138   1.00 0.86 ? 23 A  A C8     1 
ATOM   628 N N7     . A  A 1 20 ? 5.835   6.662   6.028   1.00 0.92 ? 23 A  A N7     1 
ATOM   629 C C5     . A  A 1 20 ? 5.650   7.030   7.359   1.00 0.91 ? 23 A  A C5     1 
ATOM   630 C C6     . A  A 1 20 ? 4.942   8.082   7.953   1.00 0.97 ? 23 A  A C6     1 
ATOM   631 N N6     . A  A 1 20 ? 4.322   9.014   7.262   1.00 1.05 ? 23 A  A N6     1 
ATOM   632 N N1     . A  A 1 20 ? 4.959   8.151   9.299   1.00 0.97 ? 23 A  A N1     1 
ATOM   633 C C2     . A  A 1 20 ? 5.616   7.228   10.016  1.00 0.91 ? 23 A  A C2     1 
ATOM   634 N N3     . A  A 1 20 ? 6.307   6.192   9.552   1.00 0.84 ? 23 A  A N3     1 
ATOM   635 C C4     . A  A 1 20 ? 6.282   6.149   8.213   1.00 0.84 ? 23 A  A C4     1 
ATOM   636 H "H5'"  . A  A 1 20 ? 8.858   0.629   5.591   1.00 1.19 ? 23 A  A "H5'"  1 
ATOM   637 H "H5''" . A  A 1 20 ? 7.718   1.783   5.036   1.00 1.22 ? 23 A  A "H5''" 1 
ATOM   638 H "H4'"  . A  A 1 20 ? 9.203   1.704   7.605   1.00 0.76 ? 23 A  A "H4'"  1 
ATOM   639 H "H3'"  . A  A 1 20 ? 6.382   1.639   6.712   1.00 0.73 ? 23 A  A "H3'"  1 
ATOM   640 H "H2'"  . A  A 1 20 ? 5.728   3.214   8.219   1.00 0.72 ? 23 A  A "H2'"  1 
ATOM   641 H "HO2'" . A  A 1 20 ? 6.204   2.225   10.097  1.00 1.15 ? 23 A  A "HO2'" 1 
ATOM   642 H "H1'"  . A  A 1 20 ? 8.306   4.397   8.744   1.00 0.77 ? 23 A  A "H1'"  1 
ATOM   643 H H8     . A  A 1 20 ? 6.861   5.035   5.265   1.00 0.87 ? 23 A  A H8     1 
ATOM   644 H H61    . A  A 1 20 ? 3.806   9.750   7.743   1.00 1.37 ? 23 A  A H61    1 
ATOM   645 H H62    . A  A 1 20 ? 4.323   8.971   6.247   1.00 1.40 ? 23 A  A H62    1 
ATOM   646 H H2     . A  A 1 20 ? 5.577   7.340   11.104  1.00 0.94 ? 23 A  A H2     1 
ATOM   647 P P      . C  A 1 21 ? 6.023   -0.509  8.204   1.00 0.72 ? 24 C  A P      1 
ATOM   648 O OP1    . C  A 1 21 ? 6.401   -1.694  8.907   1.00 1.39 ? 24 C  A OP1    1 
ATOM   649 O OP2    . C  A 1 21 ? 5.616   -0.678  6.829   1.00 1.51 ? 24 C  A OP2    1 
ATOM   650 O "O5'"  . C  A 1 21 ? 4.852   0.223   9.018   1.00 0.84 ? 24 C  A "O5'"  1 
ATOM   651 C "C5'"  . C  A 1 21 ? 4.854   0.215   10.446  1.00 0.69 ? 24 C  A "C5'"  1 
ATOM   652 C "C4'"  . C  A 1 21 ? 4.060   1.401   10.979  1.00 0.66 ? 24 C  A "C4'"  1 
ATOM   653 O "O4'"  . C  A 1 21 ? 4.337   2.585   10.223  1.00 0.73 ? 24 C  A "O4'"  1 
ATOM   654 C "C3'"  . C  A 1 21 ? 2.573   1.128   10.881  1.00 0.65 ? 24 C  A "C3'"  1 
ATOM   655 O "O3'"  . C  A 1 21 ? 2.035   0.749   12.138  1.00 0.69 ? 24 C  A "O3'"  1 
ATOM   656 C "C2'"  . C  A 1 21 ? 1.960   2.417   10.390  1.00 0.69 ? 24 C  A "C2'"  1 
ATOM   657 O "O2'"  . C  A 1 21 ? 1.320   3.114   11.459  1.00 0.78 ? 24 C  A "O2'"  1 
ATOM   658 C "C1'"  . C  A 1 21 ? 3.112   3.237   9.829   1.00 0.72 ? 24 C  A "C1'"  1 
ATOM   659 N N1     . C  A 1 21 ? 3.004   3.327   8.370   1.00 0.73 ? 24 C  A N1     1 
ATOM   660 C C2     . C  A 1 21 ? 2.423   4.476   7.846   1.00 1.01 ? 24 C  A C2     1 
ATOM   661 O O2     . C  A 1 21 ? 2.049   5.387   8.599   1.00 1.26 ? 24 C  A O2     1 
ATOM   662 N N3     . C  A 1 21 ? 2.293   4.572   6.493   1.00 1.09 ? 24 C  A N3     1 
ATOM   663 C C4     . C  A 1 21 ? 2.715   3.585   5.688   1.00 0.86 ? 24 C  A C4     1 
ATOM   664 N N4     . C  A 1 21 ? 2.608   3.722   4.368   1.00 0.96 ? 24 C  A N4     1 
ATOM   665 C C5     . C  A 1 21 ? 3.313   2.396   6.227   1.00 0.67 ? 24 C  A C5     1 
ATOM   666 C C6     . C  A 1 21 ? 3.441   2.307   7.568   1.00 0.66 ? 24 C  A C6     1 
ATOM   667 H "H5'"  . C  A 1 21 ? 5.845   0.230   10.836  1.00 1.26 ? 24 C  A "H5'"  1 
ATOM   668 H "H5''" . C  A 1 21 ? 4.426   -0.696  10.770  1.00 1.20 ? 24 C  A "H5''" 1 
ATOM   669 H "H4'"  . C  A 1 21 ? 4.333   1.571   12.023  1.00 0.68 ? 24 C  A "H4'"  1 
ATOM   670 H "H3'"  . C  A 1 21 ? 2.388   0.344   10.144  1.00 0.66 ? 24 C  A "H3'"  1 
ATOM   671 H "H2'"  . C  A 1 21 ? 1.236   2.203   9.597   1.00 0.69 ? 24 C  A "H2'"  1 
ATOM   672 H "HO2'" . C  A 1 21 ? 0.472   2.688   11.617  1.00 1.01 ? 24 C  A "HO2'" 1 
ATOM   673 H "H1'"  . C  A 1 21 ? 3.088   4.241   10.249  1.00 0.78 ? 24 C  A "H1'"  1 
ATOM   674 H H41    . C  A 1 21 ? 2.206   4.540   3.972   1.00 1.39 ? 24 C  A H41    1 
ATOM   675 H H42    . C  A 1 21 ? 2.936   3.011   3.767   1.00 1.19 ? 24 C  A H42    1 
ATOM   676 H H5     . C  A 1 21 ? 3.647   1.590   5.574   1.00 0.69 ? 24 C  A H5     1 
ATOM   677 H H6     . C  A 1 21 ? 3.896   1.414   8.003   1.00 0.80 ? 24 C  A H6     1 
ATOM   678 P P      . A  A 1 22 ? 0.550   0.142   12.218  1.00 0.75 ? 25 A  A P      1 
ATOM   679 O OP1    . A  A 1 22 ? 0.298   -0.305  13.563  1.00 1.36 ? 25 A  A OP1    1 
ATOM   680 O OP2    . A  A 1 22 ? 0.376   -0.842  11.178  1.00 1.59 ? 25 A  A OP2    1 
ATOM   681 O "O5'"  . A  A 1 22 ? -0.389  1.399   11.918  1.00 0.74 ? 25 A  A "O5'"  1 
ATOM   682 C "C5'"  . A  A 1 22 ? -1.519  1.261   11.062  1.00 0.74 ? 25 A  A "C5'"  1 
ATOM   683 C "C4'"  . A  A 1 22 ? -1.778  2.552   10.304  1.00 0.72 ? 25 A  A "C4'"  1 
ATOM   684 O "O4'"  . A  A 1 22 ? -0.817  2.802   9.279   1.00 0.64 ? 25 A  A "O4'"  1 
ATOM   685 C "C3'"  . A  A 1 22 ? -3.108  2.511   9.600   1.00 0.74 ? 25 A  A "C3'"  1 
ATOM   686 O "O3'"  . A  A 1 22 ? -4.151  2.932   10.454  1.00 0.84 ? 25 A  A "O3'"  1 
ATOM   687 C "C2'"  . A  A 1 22 ? -2.942  3.419   8.399   1.00 0.69 ? 25 A  A "C2'"  1 
ATOM   688 O "O2'"  . A  A 1 22 ? -3.636  4.656   8.577   1.00 0.75 ? 25 A  A "O2'"  1 
ATOM   689 C "C1'"  . A  A 1 22 ? -1.442  3.649   8.292   1.00 0.64 ? 25 A  A "C1'"  1 
ATOM   690 N N9     . A  A 1 22 ? -0.949  3.377   6.935   1.00 0.58 ? 25 A  A N9     1 
ATOM   691 C C8     . A  A 1 22 ? -0.354  2.270   6.409   1.00 0.55 ? 25 A  A C8     1 
ATOM   692 N N7     . A  A 1 22 ? 0.014   2.334   5.173   1.00 0.53 ? 25 A  A N7     1 
ATOM   693 C C5     . A  A 1 22 ? -0.381  3.624   4.824   1.00 0.56 ? 25 A  A C5     1 
ATOM   694 C C6     . A  A 1 22 ? -0.291  4.352   3.635   1.00 0.59 ? 25 A  A C6     1 
ATOM   695 N N6     . A  A 1 22 ? 0.250   3.875   2.530   1.00 0.60 ? 25 A  A N6     1 
ATOM   696 N N1     . A  A 1 22 ? -0.777  5.603   3.655   1.00 0.64 ? 25 A  A N1     1 
ATOM   697 C C2     . A  A 1 22 ? -1.328  6.114   4.754   1.00 0.66 ? 25 A  A C2     1 
ATOM   698 N N3     . A  A 1 22 ? -1.463  5.514   5.924   1.00 0.64 ? 25 A  A N3     1 
ATOM   699 C C4     . A  A 1 22 ? -0.970  4.268   5.893   1.00 0.59 ? 25 A  A C4     1 
ATOM   700 H "H5'"  . A  A 1 22 ? -2.355  1.024   11.664  1.00 1.21 ? 25 A  A "H5'"  1 
ATOM   701 H "H5''" . A  A 1 22 ? -1.391  0.448   10.385  1.00 1.10 ? 25 A  A "H5''" 1 
ATOM   702 H "H4'"  . A  A 1 22 ? -1.763  3.381   11.011  1.00 0.76 ? 25 A  A "H4'"  1 
ATOM   703 H "H3'"  . A  A 1 22 ? -3.312  1.486   9.242   1.00 0.73 ? 25 A  A "H3'"  1 
ATOM   704 H "H2'"  . A  A 1 22 ? -3.310  2.908   7.506   1.00 0.67 ? 25 A  A "H2'"  1 
ATOM   705 H "HO2'" . A  A 1 22 ? -4.519  4.545   8.219   1.00 0.90 ? 25 A  A "HO2'" 1 
ATOM   706 H "H1'"  . A  A 1 22 ? -1.228  4.690   8.542   1.00 0.66 ? 25 A  A "H1'"  1 
ATOM   707 H H8     . A  A 1 22 ? -0.186  1.386   7.012   1.00 0.55 ? 25 A  A H8     1 
ATOM   708 H H61    . A  A 1 22 ? 0.288   4.446   1.696   1.00 1.06 ? 25 A  A H61    1 
ATOM   709 H H62    . A  A 1 22 ? 0.621   2.946   2.511   1.00 1.05 ? 25 A  A H62    1 
ATOM   710 H H2     . A  A 1 22 ? -1.719  7.135   4.685   1.00 0.71 ? 25 A  A H2     1 
ATOM   711 P P      . A  A 1 23 ? -5.529  2.128   10.416  1.00 1.01 ? 26 A  A P      1 
ATOM   712 O OP1    . A  A 1 23 ? -6.252  2.396   11.617  1.00 1.60 ? 26 A  A OP1    1 
ATOM   713 O OP2    . A  A 1 23 ? -5.263  0.739   10.131  1.00 1.79 ? 26 A  A OP2    1 
ATOM   714 O "O5'"  . A  A 1 23 ? -6.327  2.786   9.184   1.00 1.05 ? 26 A  A "O5'"  1 
ATOM   715 C "C5'"  . A  A 1 23 ? -7.159  3.932   9.391   1.00 0.82 ? 26 A  A "C5'"  1 
ATOM   716 C "C4'"  . A  A 1 23 ? -7.430  4.662   8.060   1.00 0.80 ? 26 A  A "C4'"  1 
ATOM   717 O "O4'"  . A  A 1 23 ? -6.206  4.697   7.284   1.00 0.75 ? 26 A  A "O4'"  1 
ATOM   718 C "C3'"  . A  A 1 23 ? -8.439  3.868   7.191   1.00 0.78 ? 26 A  A "C3'"  1 
ATOM   719 O "O3'"  . A  A 1 23 ? -9.802  4.130   7.261   1.00 0.85 ? 26 A  A "O3'"  1 
ATOM   720 C "C2'"  . A  A 1 23 ? -7.940  3.993   5.839   1.00 0.76 ? 26 A  A "C2'"  1 
ATOM   721 O "O2'"  . A  A 1 23 ? -8.528  5.177   5.263   1.00 0.81 ? 26 A  A "O2'"  1 
ATOM   722 C "C1'"  . A  A 1 23 ? -6.456  4.132   5.964   1.00 0.72 ? 26 A  A "C1'"  1 
ATOM   723 N N9     . A  A 1 23 ? -5.852  2.804   5.809   1.00 0.68 ? 26 A  A N9     1 
ATOM   724 C C8     . A  A 1 23 ? -5.608  1.852   6.740   1.00 0.67 ? 26 A  A C8     1 
ATOM   725 N N7     . A  A 1 23 ? -5.125  0.731   6.319   1.00 0.65 ? 26 A  A N7     1 
ATOM   726 C C5     . A  A 1 23 ? -5.032  0.956   4.943   1.00 0.63 ? 26 A  A C5     1 
ATOM   727 C C6     . A  A 1 23 ? -4.593  0.168   3.887   1.00 0.62 ? 26 A  A C6     1 
ATOM   728 N N6     . A  A 1 23 ? -4.156  -1.081  4.056   1.00 0.62 ? 26 A  A N6     1 
ATOM   729 N N1     . A  A 1 23 ? -4.632  0.706   2.654   1.00 0.65 ? 26 A  A N1     1 
ATOM   730 C C2     . A  A 1 23 ? -5.077  1.942   2.467   1.00 0.67 ? 26 A  A C2     1 
ATOM   731 N N3     . A  A 1 23 ? -5.520  2.767   3.400   1.00 0.68 ? 26 A  A N3     1 
ATOM   732 C C4     . A  A 1 23 ? -5.469  2.210   4.624   1.00 0.65 ? 26 A  A C4     1 
ATOM   733 H "H5'"  . A  A 1 23 ? -6.720  4.603   10.103  1.00 1.25 ? 26 A  A "H5'"  1 
ATOM   734 H "H5''" . A  A 1 23 ? -8.056  3.599   9.821   1.00 1.23 ? 26 A  A "H5''" 1 
ATOM   735 H "H4'"  . A  A 1 23 ? -7.744  5.680   8.279   1.00 0.85 ? 26 A  A "H4'"  1 
ATOM   736 H "H3'"  . A  A 1 23 ? -8.388  2.842   7.540   1.00 0.77 ? 26 A  A "H3'"  1 
ATOM   737 H "H2'"  . A  A 1 23 ? -8.232  3.129   5.305   1.00 0.73 ? 26 A  A "H2'"  1 
ATOM   738 H "HO2'" . A  A 1 23 ? -9.358  4.927   4.837   1.00 1.07 ? 26 A  A "HO2'" 1 
ATOM   739 H "H1'"  . A  A 1 23 ? -6.098  4.804   5.181   1.00 0.74 ? 26 A  A "H1'"  1 
ATOM   740 H H8     . A  A 1 23 ? -5.811  2.026   7.799   1.00 0.70 ? 26 A  A H8     1 
ATOM   741 H H61    . A  A 1 23 ? -3.845  -1.625  3.258   1.00 0.63 ? 26 A  A H61    1 
ATOM   742 H H62    . A  A 1 23 ? -4.138  -1.481  4.977   1.00 0.63 ? 26 A  A H62    1 
ATOM   743 H H2     . A  A 1 23 ? -5.060  2.328   1.443   1.00 0.71 ? 26 A  A H2     1 
ATOM   744 P P      . A  A 1 24 ? -10.752 3.122   6.366   1.00 0.88 ? 27 A  A P      1 
ATOM   745 O OP1    . A  A 1 24 ? -11.774 2.492   7.231   1.00 1.49 ? 27 A  A OP1    1 
ATOM   746 O OP2    . A  A 1 24 ? -9.916  2.334   5.433   1.00 1.49 ? 27 A  A OP2    1 
ATOM   747 O "O5'"  . A  A 1 24 ? -11.384 4.385   5.603   1.00 0.90 ? 27 A  A "O5'"  1 
ATOM   748 C "C5'"  . A  A 1 24 ? -11.882 4.172   4.365   1.00 0.89 ? 27 A  A "C5'"  1 
ATOM   749 C "C4'"  . A  A 1 24 ? -11.401 5.050   3.206   1.00 0.89 ? 27 A  A "C4'"  1 
ATOM   750 O "O4'"  . A  A 1 24 ? -9.975  4.998   3.075   1.00 0.85 ? 27 A  A "O4'"  1 
ATOM   751 C "C3'"  . A  A 1 24 ? -11.979 4.549   1.882   1.00 0.90 ? 27 A  A "C3'"  1 
ATOM   752 O "O3'"  . A  A 1 24 ? -13.223 5.215   1.576   1.00 0.97 ? 27 A  A "O3'"  1 
ATOM   753 C "C2'"  . A  A 1 24 ? -10.885 4.832   0.863   1.00 0.89 ? 27 A  A "C2'"  1 
ATOM   754 O "O2'"  . A  A 1 24 ? -11.062 6.118   0.236   1.00 0.96 ? 27 A  A "O2'"  1 
ATOM   755 C "C1'"  . A  A 1 24 ? -9.600  4.825   1.683   1.00 0.84 ? 27 A  A "C1'"  1 
ATOM   756 N N9     . A  A 1 24 ? -8.864  3.556   1.500   1.00 0.78 ? 27 A  A N9     1 
ATOM   757 C C8     . A  A 1 24 ? -8.774  2.486   2.326   1.00 0.75 ? 27 A  A C8     1 
ATOM   758 N N7     . A  A 1 24 ? -8.034  1.499   1.939   1.00 0.72 ? 27 A  A N7     1 
ATOM   759 C C5     . A  A 1 24 ? -7.562  1.956   0.708   1.00 0.73 ? 27 A  A C5     1 
ATOM   760 C C6     . A  A 1 24 ? -6.708  1.396   -0.252  1.00 0.72 ? 27 A  A C6     1 
ATOM   761 N N6     . A  A 1 24 ? -6.143  0.199   -0.113  1.00 0.70 ? 27 A  A N6     1 
ATOM   762 N N1     . A  A 1 24 ? -6.448  2.122   -1.357  1.00 0.76 ? 27 A  A N1     1 
ATOM   763 C C2     . A  A 1 24 ? -6.996  3.327   -1.507  1.00 0.80 ? 27 A  A C2     1 
ATOM   764 N N3     . A  A 1 24 ? -7.817  3.952   -0.663  1.00 0.81 ? 27 A  A N3     1 
ATOM   765 C C4     . A  A 1 24 ? -8.062  3.206   0.432   1.00 0.77 ? 27 A  A C4     1 
ATOM   766 H "H5'"  . A  A 1 24 ? -12.961 4.152   4.403   1.00 1.26 ? 27 A  A "H5'"  1 
ATOM   767 H "H5''" . A  A 1 24 ? -11.611 3.185   4.130   1.00 1.24 ? 27 A  A "H5''" 1 
ATOM   768 H "H4'"  . A  A 1 24 ? -11.720 6.085   3.364   1.00 0.93 ? 27 A  A "H4'"  1 
ATOM   769 H "H3'"  . A  A 1 24 ? -12.137 3.453   1.927   1.00 0.88 ? 27 A  A "H3'"  1 
ATOM   770 H "H2'"  . A  A 1 24 ? -10.856 4.046   0.100   1.00 0.88 ? 27 A  A "H2'"  1 
ATOM   771 H "HO2'" . A  A 1 24 ? -11.947 6.143   -0.152  1.00 1.30 ? 27 A  A "HO2'" 1 
ATOM   772 H "H1'"  . A  A 1 24 ? -8.960  5.654   1.376   1.00 0.86 ? 27 A  A "H1'"  1 
ATOM   773 H H8     . A  A 1 24 ? -9.258  2.484   3.305   1.00 0.77 ? 27 A  A H8     1 
ATOM   774 H H61    . A  A 1 24 ? -5.536  -0.158  -0.835  1.00 0.71 ? 27 A  A H61    1 
ATOM   775 H H62    . A  A 1 24 ? -6.323  -0.353  0.715   1.00 0.69 ? 27 A  A H62    1 
ATOM   776 H H2     . A  A 1 24 ? -6.743  3.862   -2.418  1.00 0.84 ? 27 A  A H2     1 
ATOM   777 P P      . G  A 1 25 ? -14.427 4.313   1.007   1.00 0.96 ? 28 G  A P      1 
ATOM   778 O OP1    . G  A 1 25 ? -15.691 4.902   1.370   1.00 1.53 ? 28 G  A OP1    1 
ATOM   779 O OP2    . G  A 1 25 ? -14.214 2.933   1.376   1.00 1.64 ? 28 G  A OP2    1 
ATOM   780 O "O5'"  . G  A 1 25 ? -14.153 4.450   -0.545  1.00 1.00 ? 28 G  A "O5'"  1 
ATOM   781 C "C5'"  . G  A 1 25 ? -14.786 3.620   -1.500  1.00 1.00 ? 28 G  A "C5'"  1 
ATOM   782 C "C4'"  . G  A 1 25 ? -14.120 3.877   -2.821  1.00 1.02 ? 28 G  A "C4'"  1 
ATOM   783 O "O4'"  . G  A 1 25 ? -12.695 4.044   -2.643  1.00 0.98 ? 28 G  A "O4'"  1 
ATOM   784 C "C3'"  . G  A 1 25 ? -14.324 2.743   -3.765  1.00 1.04 ? 28 G  A "C3'"  1 
ATOM   785 O "O3'"  . G  A 1 25 ? -15.461 3.049   -4.590  1.00 1.12 ? 28 G  A "O3'"  1 
ATOM   786 C "C2'"  . G  A 1 25 ? -12.995 2.593   -4.478  1.00 1.02 ? 28 G  A "C2'"  1 
ATOM   787 O "O2'"  . G  A 1 25 ? -12.907 3.424   -5.649  1.00 1.09 ? 28 G  A "O2'"  1 
ATOM   788 C "C1'"  . G  A 1 25 ? -12.006 3.063   -3.430  1.00 0.96 ? 28 G  A "C1'"  1 
ATOM   789 N N9     . G  A 1 25 ? -11.587 1.937   -2.578  1.00 0.90 ? 28 G  A N9     1 
ATOM   790 C C8     . G  A 1 25 ? -11.831 1.697   -1.259  1.00 0.87 ? 28 G  A C8     1 
ATOM   791 N N7     . G  A 1 25 ? -11.349 0.611   -0.747  1.00 0.82 ? 28 G  A N7     1 
ATOM   792 C C5     . G  A 1 25 ? -10.700 0.050   -1.858  1.00 0.83 ? 28 G  A C5     1 
ATOM   793 C C6     . G  A 1 25 ? -9.964  -1.158  -1.970  1.00 0.81 ? 28 G  A C6     1 
ATOM   794 O O6     . G  A 1 25 ? -9.739  -1.988  -1.105  1.00 0.78 ? 28 G  A O6     1 
ATOM   795 N N1     . G  A 1 25 ? -9.478  -1.347  -3.256  1.00 0.84 ? 28 G  A N1     1 
ATOM   796 C C2     . G  A 1 25 ? -9.675  -0.483  -4.314  1.00 0.89 ? 28 G  A C2     1 
ATOM   797 N N2     . G  A 1 25 ? -9.115  -0.828  -5.476  1.00 0.93 ? 28 G  A N2     1 
ATOM   798 N N3     . G  A 1 25 ? -10.367 0.653   -4.220  1.00 0.91 ? 28 G  A N3     1 
ATOM   799 C C4     . G  A 1 25 ? -10.847 0.858   -2.974  1.00 0.87 ? 28 G  A C4     1 
ATOM   800 H "H5'"  . G  A 1 25 ? -15.830 3.855   -1.579  1.00 1.05 ? 28 G  A "H5'"  1 
ATOM   801 H "H5''" . G  A 1 25 ? -14.654 2.551   -1.199  1.00 0.95 ? 28 G  A "H5''" 1 
ATOM   802 H "H4'"  . G  A 1 25 ? -14.522 4.784   -3.257  1.00 1.08 ? 28 G  A "H4'"  1 
ATOM   803 H "H3'"  . G  A 1 25 ? -14.503 1.811   -3.182  1.00 1.00 ? 28 G  A "H3'"  1 
ATOM   804 H "H2'"  . G  A 1 25 ? -12.801 1.539   -4.737  1.00 1.01 ? 28 G  A "H2'"  1 
ATOM   805 H "HO2'" . G  A 1 25 ? -13.573 3.129   -6.284  1.00 1.46 ? 28 G  A "HO2'" 1 
ATOM   806 H "H1'"  . G  A 1 25 ? -11.131 3.515   -3.905  1.00 0.97 ? 28 G  A "H1'"  1 
ATOM   807 H H8     . G  A 1 25 ? -12.412 2.396   -0.655  1.00 0.89 ? 28 G  A H8     1 
ATOM   808 H H1     . G  A 1 25 ? -8.932  -2.191  -3.409  1.00 0.84 ? 28 G  A H1     1 
ATOM   809 H H21    . G  A 1 25 ? -9.219  -0.226  -6.282  1.00 0.98 ? 28 G  A H21    1 
ATOM   810 H H22    . G  A 1 25 ? -8.585  -1.686  -5.550  1.00 0.93 ? 28 G  A H22    1 
ATOM   811 P P      . U  A 1 26 ? -16.698 2.050   -4.405  1.00 1.24 ? 29 U  A P      1 
ATOM   812 O OP1    . U  A 1 26 ? -17.911 2.796   -4.429  1.00 2.00 ? 29 U  A OP1    1 
ATOM   813 O OP2    . U  A 1 26 ? -16.447 1.142   -3.328  1.00 1.80 ? 29 U  A OP2    1 
ATOM   814 O "O5'"  . U  A 1 26 ? -16.497 1.314   -5.740  1.00 1.33 ? 29 U  A "O5'"  1 
ATOM   815 C "C5'"  . U  A 1 26 ? -16.954 0.045   -6.028  1.00 1.28 ? 29 U  A "C5'"  1 
ATOM   816 C "C4'"  . U  A 1 26 ? -15.803 -0.446  -6.832  1.00 1.25 ? 29 U  A "C4'"  1 
ATOM   817 O "O4'"  . U  A 1 26 ? -14.585 -0.172  -6.124  1.00 1.20 ? 29 U  A "O4'"  1 
ATOM   818 C "C3'"  . U  A 1 26 ? -15.845 -1.881  -7.189  1.00 1.27 ? 29 U  A "C3'"  1 
ATOM   819 O "O3'"  . U  A 1 26 ? -16.516 -1.977  -8.476  1.00 1.34 ? 29 U  A "O3'"  1 
ATOM   820 C "C2'"  . U  A 1 26 ? -14.350 -2.257  -7.204  1.00 1.23 ? 29 U  A "C2'"  1 
ATOM   821 O "O2'"  . U  A 1 26 ? -13.763 -2.135  -8.504  1.00 1.27 ? 29 U  A "O2'"  1 
ATOM   822 C "C1'"  . U  A 1 26 ? -13.690 -1.263  -6.264  1.00 1.18 ? 29 U  A "C1'"  1 
ATOM   823 N N1     . U  A 1 26 ? -13.408 -1.886  -4.957  1.00 1.13 ? 29 U  A N1     1 
ATOM   824 C C2     . U  A 1 26 ? -12.579 -2.988  -4.953  1.00 1.11 ? 29 U  A C2     1 
ATOM   825 O O2     . U  A 1 26 ? -12.198 -3.517  -5.995  1.00 1.15 ? 29 U  A O2     1 
ATOM   826 N N3     . U  A 1 26 ? -12.221 -3.481  -3.714  1.00 1.07 ? 29 U  A N3     1 
ATOM   827 C C4     . U  A 1 26 ? -12.623 -2.976  -2.490  1.00 1.05 ? 29 U  A C4     1 
ATOM   828 O O4     . U  A 1 26 ? -12.213 -3.472  -1.441  1.00 1.04 ? 29 U  A O4     1 
ATOM   829 C C5     . U  A 1 26 ? -13.505 -1.830  -2.591  1.00 1.07 ? 29 U  A C5     1 
ATOM   830 C C6     . U  A 1 26 ? -13.866 -1.334  -3.794  1.00 1.11 ? 29 U  A C6     1 
ATOM   831 H "H5'"  . U  A 1 26 ? -17.832 0.088   -6.574  1.00 1.59 ? 29 U  A "H5'"  1 
ATOM   832 H "H5''" . U  A 1 26 ? -17.113 -0.562  -5.142  1.00 1.58 ? 29 U  A "H5''" 1 
ATOM   833 H "H4'"  . U  A 1 26 ? -15.782 0.124   -7.739  1.00 1.28 ? 29 U  A "H4'"  1 
ATOM   834 H "H3'"  . U  A 1 26 ? -16.360 -2.455  -6.418  1.00 1.27 ? 29 U  A "H3'"  1 
ATOM   835 H "H2'"  . U  A 1 26 ? -14.198 -3.262  -6.819  1.00 1.23 ? 29 U  A "H2'"  1 
ATOM   836 H "HO2'" . U  A 1 26 ? -14.439 -2.370  -9.145  1.00 1.53 ? 29 U  A "HO2'" 1 
ATOM   837 H "H1'"  . U  A 1 26 ? -12.755 -0.897  -6.683  1.00 1.17 ? 29 U  A "H1'"  1 
ATOM   838 H H3     . U  A 1 26 ? -11.604 -4.284  -3.700  1.00 1.07 ? 29 U  A H3     1 
ATOM   839 H H5     . U  A 1 26 ? -13.879 -1.357  -1.690  1.00 1.07 ? 29 U  A H5     1 
ATOM   840 H H6     . U  A 1 26 ? -14.553 -0.489  -3.835  1.00 1.13 ? 29 U  A H6     1 
ATOM   841 P P      . C  A 1 27 ? -17.869 -2.796  -8.521  1.00 1.40 ? 30 C  A P      1 
ATOM   842 O OP1    . C  A 1 27 ? -18.391 -2.899  -9.902  1.00 2.16 ? 30 C  A OP1    1 
ATOM   843 O OP2    . C  A 1 27 ? -18.676 -2.442  -7.400  1.00 2.07 ? 30 C  A OP2    1 
ATOM   844 O "O5'"  . C  A 1 27 ? -17.141 -4.037  -7.930  1.00 1.39 ? 30 C  A "O5'"  1 
ATOM   845 C "C5'"  . C  A 1 27 ? -17.730 -5.209  -7.434  1.00 1.52 ? 30 C  A "C5'"  1 
ATOM   846 C "C4'"  . C  A 1 27 ? -16.535 -6.029  -7.174  1.00 1.48 ? 30 C  A "C4'"  1 
ATOM   847 O "O4'"  . C  A 1 27 ? -15.608 -5.286  -6.375  1.00 1.41 ? 30 C  A "O4'"  1 
ATOM   848 C "C3'"  . C  A 1 27 ? -16.791 -7.282  -6.438  1.00 1.48 ? 30 C  A "C3'"  1 
ATOM   849 O "O3'"  . C  A 1 27 ? -17.163 -8.207  -7.408  1.00 1.61 ? 30 C  A "O3'"  1 
ATOM   850 C "C2'"  . C  A 1 27 ? -15.485 -7.557  -5.740  1.00 1.43 ? 30 C  A "C2'"  1 
ATOM   851 O "O2'"  . C  A 1 27 ? -14.617 -8.372  -6.497  1.00 1.48 ? 30 C  A "O2'"  1 
ATOM   852 C "C1'"  . C  A 1 27 ? -14.888 -6.194  -5.561  1.00 1.37 ? 30 C  A "C1'"  1 
ATOM   853 N N1     . C  A 1 27 ? -14.952 -5.846  -4.142  1.00 1.30 ? 30 C  A N1     1 
ATOM   854 C C2     . C  A 1 27 ? -14.146 -6.610  -3.337  1.00 1.25 ? 30 C  A C2     1 
ATOM   855 O O2     . C  A 1 27 ? -13.430 -7.473  -3.853  1.00 1.26 ? 30 C  A O2     1 
ATOM   856 N N3     . C  A 1 27 ? -14.175 -6.409  -1.999  1.00 1.20 ? 30 C  A N3     1 
ATOM   857 C C4     . C  A 1 27 ? -14.977 -5.483  -1.470  1.00 1.20 ? 30 C  A C4     1 
ATOM   858 N N4     . C  A 1 27 ? -14.980 -5.308  -0.151  1.00 1.16 ? 30 C  A N4     1 
ATOM   859 C C5     . C  A 1 27 ? -15.826 -4.677  -2.301  1.00 1.25 ? 30 C  A C5     1 
ATOM   860 C C6     . C  A 1 27 ? -15.783 -4.888  -3.632  1.00 1.30 ? 30 C  A C6     1 
ATOM   861 H "H5'"  . C  A 1 27 ? -18.341 -5.637  -8.153  1.00 1.78 ? 30 C  A "H5'"  1 
ATOM   862 H "H5''" . C  A 1 27 ? -18.305 -5.090  -6.499  1.00 2.01 ? 30 C  A "H5''" 1 
ATOM   863 H "H4'"  . C  A 1 27 ? -16.052 -6.277  -8.116  1.00 1.54 ? 30 C  A "H4'"  1 
ATOM   864 H "H3'"  . C  A 1 27 ? -17.572 -7.129  -5.675  1.00 1.45 ? 30 C  A "H3'"  1 
ATOM   865 H "H2'"  . C  A 1 27 ? -15.661 -8.005  -4.757  1.00 1.41 ? 30 C  A "H2'"  1 
ATOM   866 H "HO2'" . C  A 1 27 ? -15.030 -9.224  -6.580  1.00 1.53 ? 30 C  A "HO2'" 1 
ATOM   867 H "H1'"  . C  A 1 27 ? -13.843 -6.167  -5.878  1.00 1.37 ? 30 C  A "H1'"  1 
ATOM   868 H H41    . C  A 1 27 ? -14.376 -5.871  0.438   1.00 1.14 ? 30 C  A H41    1 
ATOM   869 H H42    . C  A 1 27 ? -15.579 -4.609  0.260   1.00 1.18 ? 30 C  A H42    1 
ATOM   870 H H5     . C  A 1 27 ? -16.481 -3.920  -1.873  1.00 1.26 ? 30 C  A H5     1 
ATOM   871 H H6     . C  A 1 27 ? -16.414 -4.301  -4.295  1.00 1.35 ? 30 C  A H6     1 
# 
